data_8T8Q
#
_entry.id   8T8Q
#
_cell.length_a   46.093
_cell.length_b   211.492
_cell.length_c   55.853
_cell.angle_alpha   90.000
_cell.angle_beta   96.370
_cell.angle_gamma   90.000
#
_symmetry.space_group_name_H-M   'P 1 21 1'
#
loop_
_entity.id
_entity.type
_entity.pdbx_description
1 polymer 'Tyrosine-protein phosphatase non-receptor type 11'
2 non-polymer 1-[(3P)-3-(3-chloro-2-fluorophenyl)-1H-pyrazolo[3,4-b]pyrazin-6-yl]-4-methylpiperidin-4-amine
3 water water
#
_entity_poly.entity_id   1
_entity_poly.type   'polypeptide(L)'
_entity_poly.pdbx_seq_one_letter_code
;SMTSRRWFHPNITGVEAENLLLTRGVDGSFLARPSKSNPGDFTLSVRRNGAVTHIKIQNTGDYYDLYGGEKFATLAELVQ
YYMEHHGQLKEKNGDVIELKYPLNCADPTSERWFHGHLSGKEAEKLLTEKGKHGSFLVRESQSHPGDFVLSVRTGDDKGE
SNDGKSKVTHVMIRCQELKYDVGGGERFDSLTDLVEHYKKNPMVETLGTVLQLKQPLNTTRINAAEIESRVRELSKLAET
TDKVKQGFWEEFETLQQQECKLLYSRKEGQRQENKNKNRYKNILPFDHTRVVLHDGDPNEPVSDYINANIIMPEFETKCN
NSKPKKSYIATQGCLQNTVNDFWRMVFQENSRVIVMTTKEVERGKSKCVKYWPDEYALKEYGVMRVRNVKESAAHDYTLR
ELKLSKVGQGNTERTVWQYHFRTWPDHGVPSDPGGVLDFLEEVHHKQESIMDAGPVVVHCSAGIGRTGTFIVIDILIDII
REKGVDCDIDVPKTIQMVRSQRSGMVQTEAQYRFIYMAVQHYIETL
;
_entity_poly.pdbx_strand_id   A,B
#
loop_
_chem_comp.id
_chem_comp.type
_chem_comp.name
_chem_comp.formula
ZJX non-polymer 1-[(3P)-3-(3-chloro-2-fluorophenyl)-1H-pyrazolo[3,4-b]pyrazin-6-yl]-4-methylpiperidin-4-amine 'C17 H18 Cl F N6'
#
# COMPACT_ATOMS: atom_id res chain seq x y z
N SER A 4 -5.29 -27.15 -29.92
CA SER A 4 -6.07 -26.70 -31.08
C SER A 4 -6.68 -25.29 -30.88
N ARG A 5 -7.42 -25.12 -29.78
CA ARG A 5 -8.07 -23.84 -29.40
C ARG A 5 -9.22 -23.45 -30.34
N ARG A 6 -9.83 -24.44 -30.99
CA ARG A 6 -10.99 -24.17 -31.83
C ARG A 6 -12.24 -23.82 -31.04
N TRP A 7 -12.25 -24.06 -29.73
CA TRP A 7 -13.41 -23.77 -28.88
C TRP A 7 -13.59 -22.28 -28.61
N PHE A 8 -12.67 -21.43 -29.06
CA PHE A 8 -12.82 -19.98 -28.96
C PHE A 8 -13.36 -19.45 -30.28
N HIS A 9 -14.53 -18.83 -30.22
CA HIS A 9 -15.12 -18.21 -31.39
C HIS A 9 -15.01 -16.69 -31.29
N PRO A 10 -14.18 -16.05 -32.10
CA PRO A 10 -13.88 -14.62 -31.86
C PRO A 10 -15.03 -13.66 -32.11
N ASN A 11 -16.05 -14.02 -32.92
CA ASN A 11 -17.08 -13.01 -33.15
C ASN A 11 -18.45 -13.65 -33.36
N ILE A 12 -18.97 -14.25 -32.29
CA ILE A 12 -20.34 -14.71 -32.22
C ILE A 12 -21.03 -13.98 -31.07
N THR A 13 -22.30 -13.66 -31.25
CA THR A 13 -23.12 -13.17 -30.16
C THR A 13 -23.47 -14.30 -29.21
N GLY A 14 -23.92 -13.92 -28.00
CA GLY A 14 -24.37 -14.93 -27.05
C GLY A 14 -25.52 -15.76 -27.57
N VAL A 15 -26.40 -15.16 -28.38
CA VAL A 15 -27.52 -15.88 -28.96
C VAL A 15 -27.03 -16.95 -29.94
N GLU A 16 -26.09 -16.57 -30.80
CA GLU A 16 -25.48 -17.55 -31.70
C GLU A 16 -24.76 -18.65 -30.92
N ALA A 17 -24.18 -18.31 -29.78
CA ALA A 17 -23.56 -19.34 -28.95
C ALA A 17 -24.60 -20.34 -28.43
N GLU A 18 -25.74 -19.83 -27.94
CA GLU A 18 -26.75 -20.72 -27.38
C GLU A 18 -27.31 -21.64 -28.46
N ASN A 19 -27.70 -21.08 -29.60
CA ASN A 19 -28.19 -21.89 -30.70
C ASN A 19 -27.14 -22.90 -31.16
N LEU A 20 -25.87 -22.53 -31.07
CA LEU A 20 -24.78 -23.39 -31.53
C LEU A 20 -24.64 -24.63 -30.64
N LEU A 21 -24.75 -24.45 -29.32
CA LEU A 21 -24.65 -25.56 -28.39
C LEU A 21 -25.92 -26.39 -28.38
N LEU A 22 -27.07 -25.76 -28.59
CA LEU A 22 -28.36 -26.47 -28.57
C LEU A 22 -28.55 -27.30 -29.82
N THR A 23 -28.17 -26.78 -30.99
CA THR A 23 -28.38 -27.52 -32.23
C THR A 23 -27.20 -28.41 -32.59
N ARG A 24 -25.97 -27.92 -32.45
CA ARG A 24 -24.78 -28.64 -32.89
C ARG A 24 -23.98 -29.26 -31.76
N GLY A 25 -24.44 -29.11 -30.52
CA GLY A 25 -23.75 -29.66 -29.37
C GLY A 25 -24.60 -30.68 -28.63
N VAL A 26 -23.98 -31.27 -27.62
CA VAL A 26 -24.63 -32.17 -26.69
C VAL A 26 -24.25 -31.71 -25.29
N ASP A 27 -24.87 -32.32 -24.29
CA ASP A 27 -24.51 -32.05 -22.91
C ASP A 27 -23.01 -32.26 -22.71
N GLY A 28 -22.36 -31.29 -22.05
CA GLY A 28 -20.92 -31.27 -21.91
C GLY A 28 -20.20 -30.47 -22.97
N SER A 29 -20.88 -30.09 -24.05
CA SER A 29 -20.32 -29.20 -25.06
C SER A 29 -20.08 -27.79 -24.50
N PHE A 30 -19.03 -27.13 -24.99
CA PHE A 30 -18.70 -25.80 -24.47
C PHE A 30 -17.95 -24.98 -25.52
N LEU A 31 -18.00 -23.66 -25.34
CA LEU A 31 -17.15 -22.74 -26.09
C LEU A 31 -16.83 -21.52 -25.21
N ALA A 32 -15.98 -20.65 -25.74
CA ALA A 32 -15.62 -19.38 -25.10
C ALA A 32 -15.64 -18.30 -26.17
N ARG A 33 -15.96 -17.07 -25.74
CA ARG A 33 -16.25 -15.97 -26.67
C ARG A 33 -15.93 -14.65 -26.01
N PRO A 34 -15.71 -13.60 -26.79
CA PRO A 34 -15.41 -12.27 -26.24
C PRO A 34 -16.65 -11.44 -25.95
N SER A 35 -16.42 -10.31 -25.27
CA SER A 35 -17.43 -9.26 -24.99
C SER A 35 -18.52 -9.76 -24.04
N GLY A 40 -11.72 -7.01 -22.19
CA GLY A 40 -11.25 -7.90 -21.12
C GLY A 40 -12.36 -8.72 -20.48
N ASP A 41 -13.50 -8.85 -21.16
CA ASP A 41 -14.59 -9.71 -20.70
C ASP A 41 -14.77 -10.86 -21.68
N PHE A 42 -14.89 -12.06 -21.13
CA PHE A 42 -15.07 -13.26 -21.92
C PHE A 42 -16.13 -14.12 -21.26
N THR A 43 -16.70 -15.03 -22.05
CA THR A 43 -17.74 -15.93 -21.54
C THR A 43 -17.40 -17.36 -21.92
N LEU A 44 -17.56 -18.26 -20.96
CA LEU A 44 -17.52 -19.69 -21.20
C LEU A 44 -18.98 -20.18 -21.23
N SER A 45 -19.45 -20.56 -22.42
CA SER A 45 -20.80 -21.06 -22.63
C SER A 45 -20.78 -22.59 -22.65
N VAL A 46 -21.52 -23.22 -21.74
CA VAL A 46 -21.52 -24.67 -21.54
C VAL A 46 -22.93 -25.23 -21.56
N ARG A 47 -23.13 -26.31 -22.31
CA ARG A 47 -24.42 -26.98 -22.36
C ARG A 47 -24.52 -28.02 -21.26
N ARG A 48 -25.69 -28.10 -20.63
CA ARG A 48 -25.88 -28.99 -19.49
C ARG A 48 -27.36 -29.20 -19.28
N ASN A 49 -27.80 -30.45 -19.33
CA ASN A 49 -29.23 -30.79 -19.24
C ASN A 49 -30.05 -30.05 -20.30
N GLY A 50 -29.59 -30.13 -21.55
CA GLY A 50 -30.28 -29.44 -22.62
C GLY A 50 -30.47 -27.94 -22.43
N ALA A 51 -29.74 -27.35 -21.48
CA ALA A 51 -29.78 -25.91 -21.26
C ALA A 51 -28.37 -25.35 -21.38
N VAL A 52 -28.27 -24.05 -21.74
CA VAL A 52 -27.00 -23.35 -21.95
C VAL A 52 -26.77 -22.38 -20.80
N THR A 53 -25.75 -22.65 -19.99
CA THR A 53 -25.26 -21.70 -19.01
C THR A 53 -24.10 -20.90 -19.58
N HIS A 54 -23.97 -19.66 -19.12
CA HIS A 54 -22.88 -18.77 -19.48
C HIS A 54 -22.12 -18.38 -18.21
N ILE A 55 -20.80 -18.53 -18.21
CA ILE A 55 -19.95 -18.17 -17.09
C ILE A 55 -19.03 -17.03 -17.50
N LYS A 56 -18.97 -15.99 -16.67
CA LYS A 56 -18.21 -14.80 -16.99
C LYS A 56 -16.74 -14.96 -16.60
N ILE A 57 -15.86 -14.49 -17.49
CA ILE A 57 -14.43 -14.46 -17.25
C ILE A 57 -13.98 -13.01 -17.33
N GLN A 58 -13.23 -12.56 -16.32
CA GLN A 58 -12.77 -11.17 -16.23
C GLN A 58 -11.25 -11.13 -16.25
N ASN A 59 -10.70 -10.16 -16.97
CA ASN A 59 -9.26 -9.89 -16.94
C ASN A 59 -9.07 -8.39 -16.97
N THR A 60 -8.58 -7.81 -15.86
CA THR A 60 -8.21 -6.41 -15.85
C THR A 60 -6.74 -6.20 -16.14
N GLY A 61 -5.95 -7.27 -16.21
CA GLY A 61 -4.54 -7.14 -16.51
C GLY A 61 -3.67 -8.16 -15.81
N ASP A 62 -4.22 -8.88 -14.84
CA ASP A 62 -3.39 -9.74 -14.00
C ASP A 62 -3.58 -11.24 -14.24
N TYR A 63 -4.77 -11.68 -14.67
CA TYR A 63 -5.10 -13.10 -14.81
C TYR A 63 -6.55 -13.22 -15.27
N TYR A 64 -6.92 -14.39 -15.77
CA TYR A 64 -8.30 -14.66 -16.16
C TYR A 64 -9.07 -15.17 -14.94
N ASP A 65 -10.03 -14.40 -14.50
CA ASP A 65 -10.80 -14.73 -13.32
C ASP A 65 -12.13 -15.32 -13.76
N LEU A 66 -12.31 -16.62 -13.55
CA LEU A 66 -13.54 -17.31 -13.92
C LEU A 66 -14.50 -17.30 -12.75
N TYR A 67 -15.70 -16.76 -12.96
CA TYR A 67 -16.70 -16.77 -11.89
C TYR A 67 -16.99 -18.21 -11.44
N GLY A 68 -16.99 -18.43 -10.12
CA GLY A 68 -17.20 -19.76 -9.60
C GLY A 68 -16.10 -20.74 -9.88
N GLY A 69 -15.01 -20.31 -10.51
CA GLY A 69 -13.83 -21.14 -10.73
C GLY A 69 -12.59 -20.51 -10.17
N GLU A 70 -11.47 -20.65 -10.87
CA GLU A 70 -10.17 -20.23 -10.38
C GLU A 70 -9.60 -19.14 -11.26
N LYS A 71 -8.36 -18.74 -10.94
CA LYS A 71 -7.63 -17.75 -11.73
C LYS A 71 -6.57 -18.47 -12.54
N PHE A 72 -6.45 -18.10 -13.83
CA PHE A 72 -5.61 -18.81 -14.80
C PHE A 72 -4.77 -17.86 -15.64
N ALA A 73 -3.69 -18.40 -16.19
CA ALA A 73 -2.79 -17.56 -16.97
C ALA A 73 -3.27 -17.35 -18.40
N THR A 74 -4.02 -18.30 -18.95
CA THR A 74 -4.47 -18.23 -20.34
C THR A 74 -5.77 -19.01 -20.43
N LEU A 75 -6.60 -18.68 -21.41
CA LEU A 75 -7.82 -19.46 -21.57
C LEU A 75 -7.51 -20.94 -21.84
N ALA A 76 -6.50 -21.22 -22.66
CA ALA A 76 -6.16 -22.61 -22.93
C ALA A 76 -5.86 -23.37 -21.64
N GLU A 77 -4.97 -22.81 -20.80
CA GLU A 77 -4.67 -23.41 -19.51
C GLU A 77 -5.90 -23.56 -18.64
N LEU A 78 -6.84 -22.60 -18.71
CA LEU A 78 -8.12 -22.72 -18.01
C LEU A 78 -8.93 -23.90 -18.55
N VAL A 79 -9.04 -24.00 -19.87
CA VAL A 79 -9.85 -25.09 -20.42
C VAL A 79 -9.15 -26.43 -20.20
N GLN A 80 -7.82 -26.47 -20.34
CA GLN A 80 -7.12 -27.72 -20.08
C GLN A 80 -7.32 -28.18 -18.63
N TYR A 81 -7.41 -27.24 -17.69
CA TYR A 81 -7.51 -27.61 -16.29
C TYR A 81 -8.86 -28.29 -15.99
N TYR A 82 -9.95 -27.69 -16.45
CA TYR A 82 -11.27 -28.18 -16.11
C TYR A 82 -11.61 -29.43 -16.90
N MET A 83 -11.06 -29.58 -18.10
CA MET A 83 -11.23 -30.83 -18.83
C MET A 83 -10.56 -32.02 -18.15
N GLU A 84 -9.59 -31.78 -17.25
CA GLU A 84 -8.92 -32.86 -16.55
C GLU A 84 -9.34 -32.95 -15.08
N HIS A 85 -9.21 -31.87 -14.32
CA HIS A 85 -9.52 -31.95 -12.89
C HIS A 85 -10.98 -32.37 -12.67
N HIS A 86 -11.93 -31.58 -13.17
CA HIS A 86 -13.34 -31.96 -13.12
C HIS A 86 -13.93 -31.90 -11.71
N GLY A 87 -15.26 -31.81 -11.63
CA GLY A 87 -15.93 -31.49 -10.39
C GLY A 87 -15.62 -30.12 -9.84
N GLN A 88 -14.69 -29.39 -10.45
CA GLN A 88 -14.20 -28.11 -9.94
C GLN A 88 -14.95 -26.92 -10.51
N LEU A 89 -15.84 -27.12 -11.48
CA LEU A 89 -16.63 -26.04 -12.05
C LEU A 89 -18.06 -26.27 -11.59
N LYS A 90 -18.49 -25.49 -10.62
CA LYS A 90 -19.84 -25.56 -10.10
C LYS A 90 -20.57 -24.27 -10.44
N GLU A 91 -21.87 -24.27 -10.21
CA GLU A 91 -22.67 -23.08 -10.43
C GLU A 91 -23.11 -22.51 -9.07
N LYS A 92 -24.16 -21.68 -9.08
CA LYS A 92 -24.70 -21.17 -7.83
C LYS A 92 -25.36 -22.28 -7.02
N ASN A 93 -26.31 -23.01 -7.63
CA ASN A 93 -26.88 -24.18 -6.96
C ASN A 93 -25.79 -25.02 -6.32
N GLY A 94 -24.74 -25.33 -7.08
CA GLY A 94 -23.70 -26.23 -6.64
C GLY A 94 -23.61 -27.51 -7.44
N ASP A 95 -24.43 -27.69 -8.48
CA ASP A 95 -24.25 -28.81 -9.39
C ASP A 95 -23.02 -28.58 -10.25
N VAL A 96 -22.34 -29.68 -10.58
CA VAL A 96 -21.11 -29.58 -11.34
C VAL A 96 -21.42 -29.26 -12.79
N ILE A 97 -20.63 -28.35 -13.37
CA ILE A 97 -20.65 -28.05 -14.79
C ILE A 97 -19.42 -28.72 -15.38
N GLU A 98 -19.63 -29.75 -16.19
CA GLU A 98 -18.56 -30.50 -16.83
C GLU A 98 -18.28 -29.91 -18.20
N LEU A 99 -17.04 -29.51 -18.45
CA LEU A 99 -16.58 -29.21 -19.79
C LEU A 99 -16.14 -30.54 -20.41
N LYS A 100 -16.86 -31.00 -21.43
CA LYS A 100 -16.57 -32.29 -22.06
C LYS A 100 -16.12 -32.16 -23.50
N TYR A 101 -16.90 -31.48 -24.36
CA TYR A 101 -16.65 -31.47 -25.79
C TYR A 101 -16.47 -30.06 -26.33
N PRO A 102 -15.29 -29.71 -26.81
CA PRO A 102 -15.14 -28.45 -27.57
C PRO A 102 -16.14 -28.39 -28.71
N LEU A 103 -16.83 -27.25 -28.81
CA LEU A 103 -17.61 -26.91 -30.00
C LEU A 103 -16.71 -26.05 -30.87
N ASN A 104 -16.25 -26.60 -31.98
CA ASN A 104 -15.20 -25.97 -32.75
C ASN A 104 -15.74 -24.85 -33.62
N CYS A 105 -14.97 -23.75 -33.66
CA CYS A 105 -15.22 -22.61 -34.52
C CYS A 105 -14.60 -22.82 -35.91
N ALA A 106 -15.25 -22.28 -36.93
CA ALA A 106 -14.74 -22.41 -38.29
C ALA A 106 -14.06 -21.15 -38.80
N ASP A 107 -14.18 -20.03 -38.09
CA ASP A 107 -13.62 -18.77 -38.56
C ASP A 107 -12.15 -18.94 -38.89
N PRO A 108 -11.66 -18.31 -39.95
CA PRO A 108 -10.21 -18.15 -40.14
C PRO A 108 -9.66 -16.79 -39.71
N THR A 109 -10.43 -15.97 -38.98
CA THR A 109 -10.04 -14.59 -38.73
C THR A 109 -8.80 -14.47 -37.85
N SER A 110 -8.54 -15.47 -37.00
CA SER A 110 -7.42 -15.42 -36.08
C SER A 110 -6.29 -16.36 -36.49
N GLU A 111 -6.30 -16.82 -37.74
CA GLU A 111 -5.18 -17.60 -38.28
C GLU A 111 -4.12 -16.64 -38.80
N ARG A 112 -2.85 -16.96 -38.53
CA ARG A 112 -1.78 -16.09 -39.00
C ARG A 112 -1.71 -16.03 -40.52
N TRP A 113 -2.26 -17.00 -41.23
CA TRP A 113 -2.09 -17.06 -42.67
C TRP A 113 -3.27 -16.51 -43.46
N PHE A 114 -4.38 -16.20 -42.80
CA PHE A 114 -5.57 -15.74 -43.50
C PHE A 114 -5.51 -14.22 -43.67
N HIS A 115 -5.50 -13.75 -44.92
CA HIS A 115 -5.43 -12.32 -45.18
C HIS A 115 -6.69 -11.77 -45.84
N GLY A 116 -7.76 -12.55 -45.89
CA GLY A 116 -9.04 -12.00 -46.34
C GLY A 116 -8.89 -11.24 -47.64
N HIS A 117 -9.37 -10.00 -47.66
CA HIS A 117 -9.33 -9.22 -48.89
C HIS A 117 -7.89 -8.91 -49.27
N LEU A 118 -7.53 -9.25 -50.50
CA LEU A 118 -6.16 -9.16 -50.98
C LEU A 118 -6.13 -9.75 -52.38
N SER A 119 -5.48 -9.04 -53.32
CA SER A 119 -5.46 -9.46 -54.71
C SER A 119 -4.32 -10.44 -54.96
N GLY A 120 -4.23 -10.92 -56.21
CA GLY A 120 -3.14 -11.80 -56.56
C GLY A 120 -1.79 -11.11 -56.51
N LYS A 121 -1.66 -9.97 -57.18
CA LYS A 121 -0.36 -9.29 -57.23
C LYS A 121 0.03 -8.72 -55.87
N GLU A 122 -0.95 -8.28 -55.08
CA GLU A 122 -0.68 -7.88 -53.70
C GLU A 122 -0.01 -9.01 -52.92
N ALA A 123 -0.60 -10.21 -52.96
CA ALA A 123 -0.02 -11.35 -52.28
C ALA A 123 1.36 -11.67 -52.85
N GLU A 124 1.51 -11.54 -54.16
CA GLU A 124 2.79 -11.77 -54.83
C GLU A 124 3.85 -10.80 -54.32
N LYS A 125 3.51 -9.51 -54.20
CA LYS A 125 4.48 -8.52 -53.75
C LYS A 125 4.90 -8.78 -52.30
N LEU A 126 3.94 -9.22 -51.47
CA LEU A 126 4.25 -9.55 -50.08
C LEU A 126 5.10 -10.82 -50.01
N LEU A 127 4.66 -11.88 -50.70
CA LEU A 127 5.39 -13.14 -50.64
C LEU A 127 6.79 -13.02 -51.25
N THR A 128 7.01 -12.08 -52.16
CA THR A 128 8.35 -11.90 -52.72
C THR A 128 9.22 -10.93 -51.91
N GLU A 129 8.63 -10.06 -51.11
CA GLU A 129 9.43 -9.14 -50.30
C GLU A 129 9.65 -9.62 -48.88
N LYS A 130 8.84 -10.57 -48.41
CA LYS A 130 8.89 -11.01 -47.02
C LYS A 130 8.91 -12.53 -46.86
N GLY A 131 8.77 -13.29 -47.94
CA GLY A 131 8.62 -14.72 -47.78
C GLY A 131 9.85 -15.50 -48.14
N LYS A 132 9.91 -16.75 -47.69
CA LYS A 132 10.94 -17.71 -48.07
C LYS A 132 10.24 -18.97 -48.56
N HIS A 133 11.02 -19.98 -48.94
CA HIS A 133 10.43 -21.23 -49.43
C HIS A 133 9.47 -21.79 -48.40
N GLY A 134 8.24 -22.07 -48.83
CA GLY A 134 7.21 -22.58 -47.94
C GLY A 134 6.33 -21.53 -47.30
N SER A 135 6.58 -20.25 -47.54
CA SER A 135 5.73 -19.19 -47.00
C SER A 135 4.39 -19.19 -47.72
N PHE A 136 3.29 -19.04 -46.98
CA PHE A 136 1.99 -19.10 -47.62
C PHE A 136 1.00 -18.17 -46.94
N LEU A 137 -0.18 -18.07 -47.55
CA LEU A 137 -1.28 -17.26 -47.07
C LEU A 137 -2.55 -17.69 -47.78
N VAL A 138 -3.69 -17.36 -47.20
CA VAL A 138 -4.98 -17.62 -47.82
C VAL A 138 -5.70 -16.30 -47.93
N ARG A 139 -6.46 -16.12 -49.01
CA ARG A 139 -7.11 -14.85 -49.29
C ARG A 139 -8.41 -15.08 -50.03
N GLU A 140 -9.28 -14.07 -49.98
CA GLU A 140 -10.54 -14.09 -50.70
C GLU A 140 -10.30 -14.01 -52.20
N SER A 141 -10.84 -14.97 -52.94
CA SER A 141 -10.77 -14.89 -54.40
C SER A 141 -11.57 -13.70 -54.90
N GLN A 142 -10.91 -12.85 -55.69
CA GLN A 142 -11.58 -11.67 -56.24
C GLN A 142 -12.35 -12.01 -57.50
N SER A 143 -11.72 -12.78 -58.39
CA SER A 143 -12.37 -13.21 -59.62
C SER A 143 -13.65 -14.00 -59.33
N HIS A 144 -13.57 -14.97 -58.42
CA HIS A 144 -14.70 -15.83 -58.07
C HIS A 144 -15.23 -15.47 -56.69
N PRO A 145 -16.19 -14.55 -56.57
CA PRO A 145 -16.69 -14.19 -55.23
C PRO A 145 -17.19 -15.42 -54.48
N GLY A 146 -16.79 -15.53 -53.22
CA GLY A 146 -17.11 -16.66 -52.39
C GLY A 146 -16.00 -17.70 -52.26
N ASP A 147 -15.08 -17.75 -53.21
CA ASP A 147 -13.99 -18.72 -53.18
C ASP A 147 -12.76 -18.12 -52.50
N PHE A 148 -11.70 -18.91 -52.41
CA PHE A 148 -10.47 -18.48 -51.76
C PHE A 148 -9.27 -18.98 -52.56
N VAL A 149 -8.10 -18.45 -52.22
CA VAL A 149 -6.86 -18.75 -52.94
C VAL A 149 -5.74 -18.98 -51.95
N LEU A 150 -5.07 -20.12 -52.06
CA LEU A 150 -3.85 -20.41 -51.32
C LEU A 150 -2.66 -19.99 -52.17
N SER A 151 -1.89 -19.02 -51.70
CA SER A 151 -0.69 -18.56 -52.38
C SER A 151 0.55 -18.99 -51.60
N VAL A 152 1.45 -19.68 -52.27
CA VAL A 152 2.65 -20.21 -51.66
C VAL A 152 3.86 -19.68 -52.40
N ARG A 153 4.98 -19.62 -51.72
CA ARG A 153 6.25 -19.42 -52.37
C ARG A 153 7.10 -20.67 -52.16
N THR A 154 7.88 -21.02 -53.16
CA THR A 154 8.79 -22.14 -53.09
C THR A 154 10.08 -21.74 -53.81
N GLY A 155 11.19 -22.34 -53.41
CA GLY A 155 12.42 -22.08 -54.13
C GLY A 155 13.64 -22.26 -53.24
N ASP A 156 14.66 -21.48 -53.55
CA ASP A 156 15.94 -21.53 -52.85
C ASP A 156 15.99 -20.60 -51.65
N SER A 161 15.52 -11.67 -54.38
CA SER A 161 16.33 -11.60 -55.59
C SER A 161 15.46 -11.73 -56.85
N ASN A 162 16.12 -11.92 -57.98
CA ASN A 162 15.44 -12.05 -59.26
C ASN A 162 16.15 -13.08 -60.12
N ASP A 163 16.59 -14.17 -59.50
CA ASP A 163 17.34 -15.21 -60.19
C ASP A 163 16.43 -16.29 -60.77
N GLY A 164 15.11 -16.10 -60.72
CA GLY A 164 14.17 -17.09 -61.22
C GLY A 164 14.13 -18.36 -60.42
N LYS A 165 15.03 -18.47 -59.43
CA LYS A 165 15.12 -19.66 -58.59
C LYS A 165 13.92 -19.79 -57.64
N SER A 166 13.13 -18.75 -57.49
CA SER A 166 11.93 -18.80 -56.66
C SER A 166 10.71 -18.49 -57.52
N LYS A 167 9.56 -18.96 -57.05
CA LYS A 167 8.29 -18.70 -57.74
C LYS A 167 7.16 -18.64 -56.71
N VAL A 168 6.00 -18.18 -57.17
CA VAL A 168 4.79 -18.10 -56.35
C VAL A 168 3.69 -18.87 -57.06
N THR A 169 3.04 -19.77 -56.35
CA THR A 169 1.97 -20.60 -56.89
C THR A 169 0.67 -20.26 -56.18
N HIS A 170 -0.41 -20.18 -56.94
CA HIS A 170 -1.74 -20.03 -56.41
C HIS A 170 -2.52 -21.32 -56.63
N VAL A 171 -3.54 -21.50 -55.80
CA VAL A 171 -4.33 -22.72 -55.82
C VAL A 171 -5.76 -22.37 -55.41
N MET A 172 -6.68 -22.50 -56.34
CA MET A 172 -8.08 -22.19 -56.05
C MET A 172 -8.60 -23.06 -54.93
N ILE A 173 -9.18 -22.42 -53.92
CA ILE A 173 -9.98 -23.12 -52.92
C ILE A 173 -11.43 -22.81 -53.24
N ARG A 174 -12.17 -23.81 -53.70
CA ARG A 174 -13.60 -23.63 -53.90
C ARG A 174 -14.30 -23.75 -52.56
N CYS A 175 -15.34 -22.94 -52.40
CA CYS A 175 -16.19 -23.00 -51.21
C CYS A 175 -17.57 -23.37 -51.72
N GLN A 176 -18.01 -24.59 -51.40
CA GLN A 176 -19.27 -25.15 -51.87
C GLN A 176 -20.02 -25.66 -50.65
N GLU A 177 -21.20 -25.10 -50.38
CA GLU A 177 -22.06 -25.50 -49.26
C GLU A 177 -21.32 -25.52 -47.93
N LEU A 178 -20.60 -24.44 -47.65
CA LEU A 178 -19.88 -24.27 -46.39
C LEU A 178 -18.73 -25.24 -46.21
N LYS A 179 -18.30 -25.92 -47.27
CA LYS A 179 -17.15 -26.82 -47.21
C LYS A 179 -16.13 -26.39 -48.26
N TYR A 180 -14.87 -26.76 -48.03
CA TYR A 180 -13.76 -26.25 -48.80
C TYR A 180 -12.98 -27.40 -49.44
N ASP A 181 -12.48 -27.17 -50.64
CA ASP A 181 -11.69 -28.14 -51.37
C ASP A 181 -10.81 -27.41 -52.38
N VAL A 182 -9.86 -28.15 -52.94
CA VAL A 182 -8.85 -27.61 -53.83
C VAL A 182 -9.06 -28.11 -55.27
N GLY A 183 -10.25 -28.63 -55.57
CA GLY A 183 -10.62 -29.08 -56.90
C GLY A 183 -11.00 -30.55 -56.96
N GLY A 184 -10.53 -31.35 -56.01
CA GLY A 184 -10.86 -32.76 -55.89
C GLY A 184 -10.60 -33.22 -54.47
N GLY A 185 -10.67 -34.52 -54.28
CA GLY A 185 -10.33 -35.09 -52.98
C GLY A 185 -11.37 -34.73 -51.92
N GLU A 186 -10.91 -34.51 -50.71
CA GLU A 186 -11.82 -34.34 -49.59
C GLU A 186 -12.31 -32.89 -49.47
N ARG A 187 -13.49 -32.73 -48.88
CA ARG A 187 -14.12 -31.44 -48.68
C ARG A 187 -14.09 -31.11 -47.18
N PHE A 188 -13.37 -30.06 -46.83
CA PHE A 188 -13.09 -29.74 -45.43
C PHE A 188 -14.14 -28.80 -44.83
N ASP A 189 -14.38 -28.99 -43.52
CA ASP A 189 -15.36 -28.18 -42.79
C ASP A 189 -14.86 -26.77 -42.51
N SER A 190 -13.62 -26.43 -42.84
CA SER A 190 -13.11 -25.11 -42.54
C SER A 190 -11.81 -24.89 -43.28
N LEU A 191 -11.51 -23.63 -43.56
CA LEU A 191 -10.24 -23.31 -44.22
C LEU A 191 -9.09 -23.85 -43.38
N THR A 192 -9.21 -23.80 -42.06
CA THR A 192 -8.14 -24.30 -41.20
C THR A 192 -7.91 -25.79 -41.39
N ASP A 193 -8.99 -26.55 -41.41
CA ASP A 193 -8.84 -27.98 -41.62
C ASP A 193 -8.19 -28.26 -42.97
N LEU A 194 -8.47 -27.43 -43.97
CA LEU A 194 -7.84 -27.59 -45.29
C LEU A 194 -6.36 -27.25 -45.23
N VAL A 195 -6.01 -26.12 -44.60
CA VAL A 195 -4.60 -25.75 -44.48
C VAL A 195 -3.84 -26.82 -43.70
N GLU A 196 -4.39 -27.25 -42.56
CA GLU A 196 -3.75 -28.27 -41.75
C GLU A 196 -3.52 -29.55 -42.55
N HIS A 197 -4.52 -29.95 -43.36
CA HIS A 197 -4.37 -31.16 -44.14
C HIS A 197 -3.24 -31.02 -45.16
N TYR A 198 -3.27 -29.95 -45.94
CA TYR A 198 -2.28 -29.78 -46.99
C TYR A 198 -0.96 -29.24 -46.45
N LYS A 199 -0.88 -28.97 -45.15
CA LYS A 199 0.40 -28.75 -44.48
C LYS A 199 1.11 -30.07 -44.16
N LYS A 200 0.33 -31.07 -43.73
CA LYS A 200 0.86 -32.38 -43.39
C LYS A 200 0.98 -33.26 -44.64
N ASN A 201 0.17 -33.00 -45.65
CA ASN A 201 0.13 -33.80 -46.88
C ASN A 201 0.30 -32.85 -48.07
N PRO A 202 1.49 -32.29 -48.24
CA PRO A 202 1.65 -31.22 -49.23
C PRO A 202 1.21 -31.64 -50.62
N MET A 203 0.84 -30.61 -51.38
CA MET A 203 0.34 -30.76 -52.73
C MET A 203 1.54 -30.85 -53.66
N VAL A 204 1.47 -31.78 -54.62
CA VAL A 204 2.58 -32.02 -55.54
C VAL A 204 2.14 -31.61 -56.94
N GLU A 205 2.87 -30.68 -57.55
CA GLU A 205 2.58 -30.23 -58.90
C GLU A 205 2.94 -31.32 -59.90
N THR A 206 2.51 -31.13 -61.16
CA THR A 206 2.77 -32.14 -62.18
C THR A 206 4.27 -32.35 -62.40
N LEU A 207 5.04 -31.27 -62.52
CA LEU A 207 6.46 -31.38 -62.86
C LEU A 207 7.37 -31.59 -61.66
N GLY A 208 6.81 -31.79 -60.46
CA GLY A 208 7.58 -32.20 -59.30
C GLY A 208 7.63 -31.21 -58.16
N THR A 209 7.43 -29.92 -58.44
CA THR A 209 7.47 -28.93 -57.38
C THR A 209 6.47 -29.29 -56.29
N VAL A 210 6.95 -29.31 -55.04
CA VAL A 210 6.14 -29.60 -53.87
C VAL A 210 5.74 -28.29 -53.23
N LEU A 211 4.43 -28.09 -53.04
CA LEU A 211 3.92 -26.85 -52.45
C LEU A 211 3.79 -27.08 -50.95
N GLN A 212 4.89 -26.89 -50.25
CA GLN A 212 4.96 -27.09 -48.81
C GLN A 212 4.49 -25.82 -48.12
N LEU A 213 3.49 -25.96 -47.26
CA LEU A 213 3.02 -24.87 -46.39
C LEU A 213 3.87 -24.92 -45.13
N LYS A 214 4.96 -24.17 -45.13
CA LYS A 214 5.93 -24.28 -44.05
C LYS A 214 5.67 -23.26 -42.94
N GLN A 215 5.55 -21.99 -43.28
CA GLN A 215 5.25 -20.97 -42.29
C GLN A 215 4.35 -19.92 -42.93
N PRO A 216 3.49 -19.28 -42.14
CA PRO A 216 2.67 -18.19 -42.68
C PRO A 216 3.57 -17.05 -43.11
N LEU A 217 3.16 -16.37 -44.17
CA LEU A 217 3.82 -15.11 -44.51
C LEU A 217 3.76 -14.21 -43.30
N ASN A 218 4.91 -13.70 -42.86
CA ASN A 218 4.93 -12.82 -41.71
C ASN A 218 4.45 -11.43 -42.12
N THR A 219 3.51 -10.89 -41.34
CA THR A 219 2.98 -9.56 -41.60
C THR A 219 3.19 -8.59 -40.45
N THR A 220 3.72 -9.06 -39.32
CA THR A 220 3.79 -8.25 -38.12
C THR A 220 5.16 -7.62 -37.89
N ARG A 221 6.21 -8.22 -38.45
CA ARG A 221 7.53 -7.60 -38.44
C ARG A 221 7.47 -6.25 -39.14
N ILE A 222 7.84 -5.19 -38.44
CA ILE A 222 7.88 -3.86 -39.04
C ILE A 222 9.25 -3.26 -38.81
N ASN A 223 9.57 -2.25 -39.60
CA ASN A 223 10.76 -1.45 -39.36
C ASN A 223 10.41 -0.40 -38.30
N ALA A 224 11.16 -0.40 -37.18
CA ALA A 224 10.80 0.45 -36.05
C ALA A 224 10.59 1.89 -36.46
N ALA A 225 11.30 2.34 -37.49
CA ALA A 225 11.14 3.71 -37.96
C ALA A 225 9.71 3.99 -38.41
N GLU A 226 9.01 2.98 -38.94
CA GLU A 226 7.63 3.15 -39.39
C GLU A 226 6.60 2.76 -38.33
N ILE A 227 7.04 2.60 -37.08
CA ILE A 227 6.18 2.25 -35.95
C ILE A 227 4.88 3.04 -35.96
N GLU A 228 4.99 4.37 -35.97
CA GLU A 228 3.80 5.20 -35.88
C GLU A 228 2.82 4.94 -37.02
N SER A 229 3.34 4.59 -38.20
CA SER A 229 2.43 4.33 -39.30
C SER A 229 1.61 3.07 -39.04
N ARG A 230 2.23 2.05 -38.42
CA ARG A 230 1.51 0.82 -38.13
C ARG A 230 0.48 1.01 -37.01
N VAL A 231 0.83 1.79 -35.98
CA VAL A 231 -0.13 2.08 -34.92
C VAL A 231 -1.37 2.75 -35.50
N ARG A 232 -1.17 3.66 -36.48
CA ARG A 232 -2.30 4.25 -37.18
C ARG A 232 -3.05 3.20 -38.02
N GLU A 233 -2.31 2.37 -38.77
CA GLU A 233 -2.96 1.33 -39.56
C GLU A 233 -3.74 0.37 -38.65
N LEU A 234 -3.21 0.10 -37.45
CA LEU A 234 -3.84 -0.83 -36.52
C LEU A 234 -4.96 -0.19 -35.72
N SER A 235 -5.03 1.14 -35.67
CA SER A 235 -6.08 1.86 -34.98
C SER A 235 -7.32 2.07 -35.84
N LYS A 236 -7.27 1.74 -37.13
CA LYS A 236 -8.43 1.78 -38.01
C LYS A 236 -9.37 0.65 -37.61
N LEU A 237 -10.43 0.43 -38.39
CA LEU A 237 -11.38 -0.64 -38.08
C LEU A 237 -11.19 -1.85 -38.98
N GLN A 246 -11.38 -3.18 -34.24
CA GLN A 246 -10.11 -2.49 -34.47
C GLN A 246 -8.98 -3.46 -34.88
N GLY A 247 -8.02 -2.95 -35.66
CA GLY A 247 -6.96 -3.81 -36.17
C GLY A 247 -6.11 -4.43 -35.07
N PHE A 248 -5.85 -3.65 -34.00
CA PHE A 248 -5.21 -4.15 -32.79
C PHE A 248 -5.88 -5.44 -32.31
N TRP A 249 -7.21 -5.41 -32.18
CA TRP A 249 -7.95 -6.58 -31.69
C TRP A 249 -7.73 -7.79 -32.61
N GLU A 250 -7.79 -7.57 -33.91
CA GLU A 250 -7.53 -8.64 -34.86
C GLU A 250 -6.13 -9.23 -34.66
N GLU A 251 -5.12 -8.36 -34.55
CA GLU A 251 -3.75 -8.85 -34.37
C GLU A 251 -3.59 -9.54 -33.02
N PHE A 252 -4.17 -8.97 -31.96
CA PHE A 252 -3.99 -9.53 -30.64
C PHE A 252 -4.66 -10.90 -30.52
N GLU A 253 -5.90 -11.02 -31.01
CA GLU A 253 -6.59 -12.30 -30.90
C GLU A 253 -5.94 -13.37 -31.79
N THR A 254 -5.20 -12.97 -32.82
CA THR A 254 -4.44 -13.95 -33.59
C THR A 254 -3.27 -14.49 -32.77
N LEU A 255 -2.61 -13.64 -31.98
CA LEU A 255 -1.60 -14.12 -31.04
C LEU A 255 -2.21 -15.06 -30.01
N GLN A 256 -3.33 -14.67 -29.41
CA GLN A 256 -3.99 -15.53 -28.43
C GLN A 256 -4.26 -16.91 -29.01
N GLN A 257 -4.58 -16.97 -30.31
CA GLN A 257 -4.85 -18.25 -30.97
C GLN A 257 -3.65 -19.17 -30.95
N GLN A 258 -2.45 -18.63 -30.75
CA GLN A 258 -1.25 -19.45 -30.69
C GLN A 258 -0.91 -19.91 -29.28
N GLU A 259 -1.75 -19.62 -28.29
CA GLU A 259 -1.42 -19.97 -26.92
C GLU A 259 -1.49 -21.45 -26.68
N CYS A 260 -2.25 -22.21 -27.49
CA CYS A 260 -2.37 -23.65 -27.35
CA CYS A 260 -2.36 -23.64 -27.30
C CYS A 260 -1.08 -24.39 -27.65
N LYS A 261 -0.11 -23.72 -28.25
CA LYS A 261 1.19 -24.31 -28.51
C LYS A 261 2.13 -24.19 -27.33
N LEU A 262 1.69 -23.57 -26.23
CA LEU A 262 2.56 -23.26 -25.11
C LEU A 262 2.08 -23.94 -23.82
N LEU A 263 1.40 -25.08 -23.95
CA LEU A 263 0.86 -25.81 -22.79
C LEU A 263 1.94 -26.73 -22.20
N TYR A 264 3.06 -26.11 -21.84
CA TYR A 264 4.20 -26.85 -21.32
C TYR A 264 3.93 -27.31 -19.89
N SER A 265 4.68 -28.33 -19.49
CA SER A 265 4.43 -28.93 -18.21
C SER A 265 4.81 -27.97 -17.08
N ARG A 266 4.04 -28.03 -16.00
CA ARG A 266 4.27 -27.23 -14.81
C ARG A 266 4.12 -28.12 -13.58
N LYS A 267 4.81 -29.27 -13.61
CA LYS A 267 4.60 -30.30 -12.61
C LYS A 267 5.12 -29.87 -11.23
N GLU A 268 6.35 -29.37 -11.16
CA GLU A 268 6.92 -29.02 -9.86
C GLU A 268 6.02 -28.07 -9.09
N GLY A 269 5.44 -27.08 -9.76
CA GLY A 269 4.56 -26.16 -9.07
C GLY A 269 3.32 -26.81 -8.53
N GLN A 270 3.03 -28.04 -8.98
CA GLN A 270 1.85 -28.81 -8.58
C GLN A 270 2.10 -29.77 -7.42
N ARG A 271 3.35 -30.09 -7.12
CA ARG A 271 3.66 -30.96 -5.98
C ARG A 271 3.04 -30.39 -4.71
N GLN A 272 2.72 -31.29 -3.77
CA GLN A 272 2.05 -30.88 -2.53
C GLN A 272 2.90 -29.96 -1.68
N GLU A 273 4.20 -30.21 -1.59
CA GLU A 273 5.06 -29.35 -0.79
C GLU A 273 5.13 -27.94 -1.34
N ASN A 274 4.91 -27.78 -2.65
CA ASN A 274 5.04 -26.49 -3.32
C ASN A 274 3.73 -25.73 -3.41
N LYS A 275 2.60 -26.35 -3.03
CA LYS A 275 1.30 -25.73 -3.24
C LYS A 275 1.22 -24.38 -2.53
N ASN A 276 1.64 -24.34 -1.26
CA ASN A 276 1.56 -23.17 -0.40
C ASN A 276 2.51 -22.07 -0.84
N LYS A 277 3.37 -22.33 -1.82
CA LYS A 277 4.33 -21.35 -2.30
C LYS A 277 3.80 -20.61 -3.51
N ASN A 278 2.58 -20.90 -3.95
CA ASN A 278 2.02 -20.27 -5.13
C ASN A 278 0.94 -19.28 -4.71
N ARG A 279 1.06 -18.03 -5.18
CA ARG A 279 0.03 -17.02 -4.87
C ARG A 279 -1.31 -17.41 -5.46
N TYR A 280 -1.32 -17.85 -6.71
CA TYR A 280 -2.53 -18.30 -7.39
C TYR A 280 -2.34 -19.77 -7.78
N LYS A 281 -3.28 -20.61 -7.33
CA LYS A 281 -3.12 -22.05 -7.37
C LYS A 281 -2.66 -22.55 -8.74
N ASN A 282 -3.24 -22.02 -9.81
CA ASN A 282 -3.02 -22.58 -11.13
C ASN A 282 -2.15 -21.72 -12.02
N ILE A 283 -1.62 -20.61 -11.52
CA ILE A 283 -0.71 -19.79 -12.31
C ILE A 283 0.70 -20.22 -11.93
N LEU A 284 1.31 -21.04 -12.78
CA LEU A 284 2.48 -21.80 -12.36
C LEU A 284 3.61 -21.63 -13.35
N PRO A 285 4.84 -21.79 -12.87
CA PRO A 285 6.01 -21.67 -13.77
C PRO A 285 6.22 -22.94 -14.57
N PHE A 286 6.65 -22.76 -15.82
CA PHE A 286 7.06 -23.89 -16.63
C PHE A 286 8.25 -24.60 -16.00
N ASP A 287 8.16 -25.92 -15.88
CA ASP A 287 9.30 -26.67 -15.36
C ASP A 287 10.59 -26.33 -16.09
N HIS A 288 10.53 -26.14 -17.42
CA HIS A 288 11.80 -26.09 -18.14
C HIS A 288 12.48 -24.73 -18.08
N THR A 289 11.81 -23.70 -17.55
CA THR A 289 12.47 -22.42 -17.31
C THR A 289 12.38 -21.95 -15.86
N ARG A 290 11.72 -22.68 -14.98
CA ARG A 290 11.61 -22.24 -13.60
C ARG A 290 13.00 -21.99 -13.02
N VAL A 291 13.07 -21.10 -12.02
CA VAL A 291 14.28 -20.88 -11.25
C VAL A 291 14.41 -22.00 -10.24
N VAL A 292 15.47 -22.80 -10.34
CA VAL A 292 15.75 -23.83 -9.34
C VAL A 292 16.70 -23.26 -8.28
N LEU A 293 16.32 -23.39 -7.01
CA LEU A 293 17.09 -22.89 -5.89
C LEU A 293 17.92 -24.02 -5.28
N HIS A 294 19.22 -23.87 -5.28
CA HIS A 294 20.08 -24.85 -4.63
C HIS A 294 20.47 -24.32 -3.26
N ASP A 295 21.35 -25.03 -2.58
CA ASP A 295 21.87 -24.58 -1.30
C ASP A 295 20.80 -24.52 -0.21
N GLY A 296 19.68 -25.23 -0.39
CA GLY A 296 18.71 -25.32 0.67
C GLY A 296 19.11 -26.34 1.72
N ASP A 297 18.70 -26.07 2.97
CA ASP A 297 19.08 -26.96 4.06
C ASP A 297 18.38 -28.31 3.91
N PRO A 298 19.02 -29.39 4.35
CA PRO A 298 18.49 -30.74 4.06
C PRO A 298 17.17 -31.05 4.75
N ASN A 299 16.81 -30.31 5.81
CA ASN A 299 15.60 -30.58 6.57
C ASN A 299 14.32 -30.26 5.80
N GLU A 300 14.38 -29.40 4.78
CA GLU A 300 13.23 -29.16 3.93
C GLU A 300 13.18 -30.22 2.84
N PRO A 301 12.11 -31.02 2.76
CA PRO A 301 12.05 -32.05 1.71
C PRO A 301 12.19 -31.44 0.32
N VAL A 302 11.43 -30.40 0.04
CA VAL A 302 11.53 -29.61 -1.19
C VAL A 302 11.93 -28.21 -0.77
N SER A 303 13.19 -27.85 -1.02
CA SER A 303 13.65 -26.49 -0.80
C SER A 303 14.10 -25.83 -2.10
N ASP A 304 13.70 -26.37 -3.26
CA ASP A 304 14.25 -25.92 -4.53
C ASP A 304 13.26 -25.12 -5.37
N TYR A 305 12.16 -24.67 -4.77
CA TYR A 305 11.02 -24.18 -5.55
C TYR A 305 10.67 -22.73 -5.24
N ILE A 306 10.45 -21.95 -6.30
CA ILE A 306 9.85 -20.62 -6.21
C ILE A 306 9.01 -20.43 -7.47
N ASN A 307 7.94 -19.65 -7.36
CA ASN A 307 7.09 -19.37 -8.52
C ASN A 307 7.76 -18.26 -9.36
N ALA A 308 8.66 -18.68 -10.26
CA ALA A 308 9.47 -17.73 -11.01
C ALA A 308 10.10 -18.44 -12.21
N ASN A 309 10.32 -17.68 -13.29
CA ASN A 309 10.90 -18.23 -14.51
C ASN A 309 11.99 -17.31 -15.05
N ILE A 310 13.03 -17.91 -15.62
CA ILE A 310 14.01 -17.13 -16.36
C ILE A 310 13.39 -16.76 -17.70
N ILE A 311 13.60 -15.52 -18.14
CA ILE A 311 13.16 -15.07 -19.46
C ILE A 311 14.41 -14.66 -20.22
N MET A 312 14.85 -15.48 -21.17
CA MET A 312 16.01 -15.16 -22.01
C MET A 312 15.54 -14.56 -23.32
N PRO A 313 15.87 -13.31 -23.66
CA PRO A 313 15.45 -12.78 -24.97
C PRO A 313 16.15 -13.54 -26.09
N GLU A 314 15.47 -13.67 -27.22
CA GLU A 314 16.02 -14.48 -28.33
C GLU A 314 15.20 -14.39 -29.61
N LYS A 326 21.09 -8.92 -21.54
CA LYS A 326 20.20 -8.71 -20.40
C LYS A 326 19.13 -9.78 -20.36
N SER A 327 19.09 -10.55 -19.29
CA SER A 327 18.01 -11.51 -19.11
C SER A 327 17.19 -11.10 -17.90
N TYR A 328 16.05 -11.75 -17.72
CA TYR A 328 15.10 -11.37 -16.67
C TYR A 328 14.68 -12.60 -15.87
N ILE A 329 14.16 -12.31 -14.69
CA ILE A 329 13.43 -13.29 -13.90
C ILE A 329 12.05 -12.70 -13.66
N ALA A 330 11.00 -13.42 -14.10
CA ALA A 330 9.62 -13.02 -13.90
C ALA A 330 9.03 -13.86 -12.78
N THR A 331 8.43 -13.21 -11.81
CA THR A 331 8.01 -13.89 -10.60
C THR A 331 6.76 -13.22 -10.04
N GLN A 332 6.02 -13.98 -9.21
CA GLN A 332 4.87 -13.44 -8.49
C GLN A 332 5.32 -12.52 -7.36
N GLY A 333 4.36 -11.77 -6.83
CA GLY A 333 4.58 -11.06 -5.58
C GLY A 333 4.75 -12.03 -4.41
N CYS A 334 5.71 -11.72 -3.55
CA CYS A 334 6.02 -12.52 -2.37
C CYS A 334 4.79 -12.78 -1.52
N LEU A 335 4.69 -14.01 -1.03
CA LEU A 335 3.84 -14.38 0.09
C LEU A 335 4.70 -14.34 1.36
N GLN A 336 4.04 -14.31 2.52
CA GLN A 336 4.84 -14.26 3.73
C GLN A 336 5.74 -15.47 3.84
N ASN A 337 5.32 -16.61 3.29
CA ASN A 337 6.09 -17.85 3.43
C ASN A 337 7.06 -18.08 2.28
N THR A 338 7.18 -17.13 1.34
CA THR A 338 8.20 -17.26 0.31
C THR A 338 9.20 -16.10 0.32
N VAL A 339 9.09 -15.16 1.27
CA VAL A 339 10.03 -14.05 1.32
C VAL A 339 11.46 -14.58 1.41
N ASN A 340 11.68 -15.59 2.26
CA ASN A 340 13.01 -16.19 2.36
C ASN A 340 13.46 -16.79 1.04
N ASP A 341 12.55 -17.46 0.33
CA ASP A 341 12.93 -18.06 -0.95
C ASP A 341 13.24 -16.99 -1.98
N PHE A 342 12.54 -15.86 -1.90
CA PHE A 342 12.77 -14.80 -2.87
C PHE A 342 14.19 -14.26 -2.74
N TRP A 343 14.68 -14.09 -1.49
CA TRP A 343 16.04 -13.58 -1.31
C TRP A 343 17.11 -14.64 -1.64
N ARG A 344 16.84 -15.92 -1.39
CA ARG A 344 17.76 -16.96 -1.88
C ARG A 344 17.87 -16.90 -3.40
N MET A 345 16.76 -16.60 -4.09
CA MET A 345 16.79 -16.48 -5.54
C MET A 345 17.61 -15.25 -5.95
N VAL A 346 17.31 -14.10 -5.36
CA VAL A 346 18.06 -12.90 -5.71
C VAL A 346 19.55 -13.13 -5.51
N PHE A 347 19.92 -13.72 -4.37
CA PHE A 347 21.32 -13.96 -4.06
C PHE A 347 21.92 -14.97 -5.03
N GLN A 348 21.26 -16.12 -5.20
CA GLN A 348 21.80 -17.17 -6.06
C GLN A 348 21.96 -16.69 -7.49
N GLU A 349 21.01 -15.91 -8.00
CA GLU A 349 21.09 -15.50 -9.39
C GLU A 349 21.96 -14.28 -9.59
N ASN A 350 22.47 -13.69 -8.51
CA ASN A 350 23.31 -12.51 -8.61
C ASN A 350 22.56 -11.30 -9.18
N SER A 351 21.24 -11.30 -9.09
CA SER A 351 20.46 -10.16 -9.54
C SER A 351 20.78 -8.93 -8.71
N ARG A 352 20.85 -7.77 -9.37
CA ARG A 352 21.14 -6.51 -8.70
C ARG A 352 20.05 -5.47 -8.85
N VAL A 353 19.01 -5.76 -9.62
CA VAL A 353 17.93 -4.83 -9.86
C VAL A 353 16.62 -5.60 -9.73
N ILE A 354 15.68 -5.06 -8.97
CA ILE A 354 14.35 -5.63 -8.81
C ILE A 354 13.36 -4.57 -9.26
N VAL A 355 12.35 -5.01 -10.01
CA VAL A 355 11.34 -4.13 -10.57
C VAL A 355 9.98 -4.60 -10.05
N MET A 356 9.36 -3.78 -9.19
CA MET A 356 8.04 -4.02 -8.63
C MET A 356 7.01 -3.15 -9.33
N THR A 357 5.95 -3.76 -9.86
CA THR A 357 4.92 -2.99 -10.54
C THR A 357 3.56 -3.18 -9.89
N THR A 358 3.52 -3.19 -8.57
CA THR A 358 2.27 -3.29 -7.83
C THR A 358 2.42 -2.56 -6.51
N LYS A 359 1.30 -2.09 -5.96
CA LYS A 359 1.35 -1.73 -4.56
C LYS A 359 1.31 -3.00 -3.74
N GLU A 360 1.62 -2.87 -2.46
CA GLU A 360 1.46 -4.02 -1.59
C GLU A 360 0.02 -4.52 -1.61
N VAL A 361 -0.92 -3.58 -1.49
CA VAL A 361 -2.35 -3.84 -1.49
C VAL A 361 -3.01 -2.98 -2.57
N GLU A 362 -4.00 -3.53 -3.26
CA GLU A 362 -4.80 -2.80 -4.23
C GLU A 362 -6.23 -3.33 -4.15
N ARG A 363 -7.21 -2.44 -4.26
CA ARG A 363 -8.62 -2.81 -4.12
C ARG A 363 -8.82 -3.67 -2.86
N GLY A 364 -8.10 -3.30 -1.80
CA GLY A 364 -8.20 -3.99 -0.54
C GLY A 364 -7.64 -5.40 -0.50
N LYS A 365 -6.95 -5.85 -1.54
CA LYS A 365 -6.48 -7.22 -1.61
C LYS A 365 -4.95 -7.26 -1.67
N SER A 366 -4.35 -8.14 -0.87
CA SER A 366 -2.89 -8.22 -0.86
C SER A 366 -2.41 -8.69 -2.22
N LYS A 367 -1.42 -7.99 -2.75
CA LYS A 367 -0.80 -8.35 -4.02
C LYS A 367 0.65 -8.79 -3.85
N CYS A 368 1.29 -8.40 -2.75
CA CYS A 368 2.70 -8.70 -2.51
C CYS A 368 3.04 -8.26 -1.10
N VAL A 369 3.50 -9.19 -0.27
CA VAL A 369 3.93 -8.80 1.08
C VAL A 369 5.20 -7.97 0.96
N LYS A 370 5.36 -7.03 1.89
CA LYS A 370 6.59 -6.25 2.01
C LYS A 370 7.75 -7.17 2.34
N TYR A 371 8.64 -7.37 1.38
CA TYR A 371 9.77 -8.26 1.57
C TYR A 371 11.06 -7.50 1.83
N TRP A 372 10.97 -6.18 1.99
CA TRP A 372 12.16 -5.38 2.25
C TRP A 372 12.02 -4.64 3.57
N PRO A 373 13.13 -4.33 4.25
CA PRO A 373 13.05 -3.58 5.50
C PRO A 373 12.72 -2.11 5.28
N ASP A 374 12.13 -1.49 6.30
CA ASP A 374 11.93 -0.06 6.25
C ASP A 374 13.27 0.64 6.09
N GLU A 375 13.22 1.89 5.66
CA GLU A 375 14.42 2.69 5.46
C GLU A 375 15.31 2.68 6.71
N TYR A 376 16.59 2.40 6.51
CA TYR A 376 17.65 2.40 7.50
C TYR A 376 17.67 1.13 8.34
N ALA A 377 16.64 0.28 8.24
CA ALA A 377 16.55 -0.89 9.10
C ALA A 377 17.29 -2.07 8.48
N LEU A 378 17.42 -3.13 9.28
CA LEU A 378 18.17 -4.31 8.89
C LEU A 378 17.39 -5.52 9.36
N LYS A 379 17.09 -6.44 8.45
CA LYS A 379 16.31 -7.61 8.77
C LYS A 379 17.04 -8.86 8.30
N GLU A 380 16.72 -9.98 8.93
CA GLU A 380 17.17 -11.30 8.49
C GLU A 380 15.99 -12.07 7.90
N TYR A 381 16.15 -12.58 6.69
CA TYR A 381 15.15 -13.43 6.04
C TYR A 381 15.80 -14.80 5.86
N GLY A 382 15.69 -15.64 6.88
CA GLY A 382 16.39 -16.91 6.84
C GLY A 382 17.89 -16.67 6.87
N VAL A 383 18.60 -17.31 5.94
CA VAL A 383 20.05 -17.23 5.87
C VAL A 383 20.52 -15.91 5.25
N MET A 384 19.57 -15.12 4.74
CA MET A 384 19.85 -13.90 3.99
C MET A 384 19.62 -12.71 4.91
N ARG A 385 20.43 -11.68 4.77
CA ARG A 385 20.32 -10.46 5.55
C ARG A 385 20.22 -9.29 4.60
N VAL A 386 19.27 -8.37 4.85
CA VAL A 386 19.03 -7.25 3.96
C VAL A 386 18.99 -5.96 4.76
N ARG A 387 19.61 -4.91 4.22
CA ARG A 387 19.60 -3.58 4.82
C ARG A 387 19.05 -2.58 3.82
N ASN A 388 18.09 -1.78 4.25
CA ASN A 388 17.58 -0.69 3.42
C ASN A 388 18.45 0.54 3.68
N VAL A 389 19.37 0.84 2.75
CA VAL A 389 20.35 1.89 2.97
C VAL A 389 19.72 3.28 2.86
N LYS A 390 18.79 3.46 1.92
CA LYS A 390 18.25 4.76 1.54
C LYS A 390 17.15 4.55 0.50
N GLU A 391 16.09 5.35 0.62
CA GLU A 391 15.02 5.40 -0.36
C GLU A 391 15.06 6.73 -1.11
N SER A 392 14.55 6.71 -2.34
CA SER A 392 14.48 7.91 -3.17
C SER A 392 13.11 7.92 -3.83
N ALA A 393 12.32 8.96 -3.59
CA ALA A 393 10.99 9.06 -4.16
C ALA A 393 11.04 9.87 -5.46
N ALA A 394 10.45 9.31 -6.51
CA ALA A 394 10.21 10.00 -7.76
C ALA A 394 8.70 10.16 -7.93
N HIS A 395 8.29 10.80 -9.03
CA HIS A 395 6.85 11.01 -9.21
C HIS A 395 6.10 9.68 -9.28
N ASP A 396 6.56 8.78 -10.17
CA ASP A 396 5.84 7.54 -10.46
C ASP A 396 6.35 6.35 -9.66
N TYR A 397 7.47 6.48 -8.94
CA TYR A 397 8.15 5.30 -8.42
C TYR A 397 9.07 5.69 -7.29
N THR A 398 9.34 4.73 -6.40
CA THR A 398 10.31 4.86 -5.32
C THR A 398 11.48 3.93 -5.55
N LEU A 399 12.69 4.40 -5.25
CA LEU A 399 13.90 3.60 -5.38
C LEU A 399 14.42 3.24 -4.00
N ARG A 400 14.72 1.96 -3.81
CA ARG A 400 15.22 1.47 -2.54
C ARG A 400 16.59 0.86 -2.79
N GLU A 401 17.61 1.42 -2.14
CA GLU A 401 18.96 0.91 -2.22
C GLU A 401 19.15 -0.06 -1.05
N LEU A 402 19.21 -1.35 -1.38
CA LEU A 402 19.28 -2.44 -0.42
C LEU A 402 20.65 -3.11 -0.48
N LYS A 403 21.10 -3.59 0.67
CA LYS A 403 22.32 -4.38 0.81
C LYS A 403 21.94 -5.80 1.20
N LEU A 404 22.29 -6.76 0.34
CA LEU A 404 21.96 -8.17 0.52
C LEU A 404 23.23 -8.98 0.76
N SER A 405 23.22 -9.80 1.80
CA SER A 405 24.35 -10.66 2.11
C SER A 405 23.83 -11.92 2.77
N LYS A 406 24.66 -12.96 2.76
CA LYS A 406 24.36 -14.18 3.48
C LYS A 406 24.90 -14.07 4.91
N VAL A 407 24.09 -14.42 5.90
CA VAL A 407 24.57 -14.39 7.26
C VAL A 407 25.65 -15.45 7.41
N GLY A 408 26.73 -15.11 8.10
CA GLY A 408 27.80 -16.07 8.24
C GLY A 408 29.08 -15.69 7.50
N GLN A 409 28.96 -15.14 6.30
CA GLN A 409 30.13 -14.69 5.54
C GLN A 409 29.81 -13.29 5.01
N GLY A 410 30.39 -12.27 5.65
CA GLY A 410 30.07 -10.91 5.29
C GLY A 410 30.57 -10.50 3.91
N ASN A 411 31.62 -11.15 3.43
CA ASN A 411 32.17 -10.75 2.13
C ASN A 411 31.23 -11.03 0.96
N THR A 412 30.04 -11.57 1.19
CA THR A 412 29.10 -11.82 0.12
C THR A 412 28.21 -10.63 -0.20
N GLU A 413 28.48 -9.46 0.37
CA GLU A 413 27.52 -8.37 0.26
C GLU A 413 27.50 -7.78 -1.15
N ARG A 414 26.30 -7.45 -1.61
CA ARG A 414 26.13 -6.75 -2.88
C ARG A 414 24.91 -5.84 -2.76
N THR A 415 24.92 -4.78 -3.56
CA THR A 415 23.83 -3.80 -3.54
C THR A 415 22.75 -4.25 -4.53
N VAL A 416 21.52 -4.41 -4.05
CA VAL A 416 20.37 -4.70 -4.91
C VAL A 416 19.48 -3.46 -4.92
N TRP A 417 19.16 -2.98 -6.13
CA TRP A 417 18.38 -1.75 -6.30
C TRP A 417 16.93 -2.10 -6.61
N GLN A 418 16.02 -1.75 -5.72
CA GLN A 418 14.60 -2.04 -5.88
C GLN A 418 13.91 -0.81 -6.47
N TYR A 419 13.35 -0.97 -7.67
CA TYR A 419 12.63 0.09 -8.37
C TYR A 419 11.13 -0.19 -8.22
N HIS A 420 10.46 0.57 -7.36
CA HIS A 420 9.07 0.29 -6.98
C HIS A 420 8.16 1.30 -7.69
N PHE A 421 7.61 0.89 -8.82
CA PHE A 421 6.60 1.69 -9.52
C PHE A 421 5.30 1.66 -8.72
N ARG A 422 4.75 2.83 -8.39
CA ARG A 422 3.57 2.88 -7.54
C ARG A 422 2.31 3.40 -8.22
N THR A 423 2.40 3.97 -9.42
CA THR A 423 1.27 4.68 -10.01
C THR A 423 0.54 3.86 -11.07
N TRP A 424 0.76 2.57 -11.14
CA TRP A 424 0.04 1.80 -12.13
C TRP A 424 -1.43 1.74 -11.74
N PRO A 425 -2.36 2.05 -12.64
CA PRO A 425 -3.79 1.99 -12.30
C PRO A 425 -4.21 0.62 -11.79
N ASP A 426 -5.29 0.59 -10.98
CA ASP A 426 -5.76 -0.68 -10.45
C ASP A 426 -6.26 -1.60 -11.56
N HIS A 427 -6.77 -1.04 -12.65
CA HIS A 427 -7.30 -1.78 -13.78
C HIS A 427 -6.72 -1.21 -15.07
N GLY A 428 -6.58 -2.06 -16.09
CA GLY A 428 -6.12 -1.47 -17.35
C GLY A 428 -4.69 -0.97 -17.25
N VAL A 429 -4.36 -0.03 -18.13
CA VAL A 429 -2.99 0.45 -18.28
C VAL A 429 -2.96 1.99 -18.17
N PRO A 430 -1.78 2.60 -18.05
CA PRO A 430 -1.72 4.07 -18.07
C PRO A 430 -2.10 4.63 -19.43
N SER A 431 -2.65 5.85 -19.42
CA SER A 431 -3.04 6.49 -20.67
C SER A 431 -1.85 7.03 -21.45
N ASP A 432 -0.72 7.34 -20.80
CA ASP A 432 0.50 7.77 -21.48
C ASP A 432 1.67 6.91 -21.05
N PRO A 433 2.52 6.46 -21.98
CA PRO A 433 3.64 5.59 -21.61
C PRO A 433 4.82 6.31 -20.99
N GLY A 434 4.72 7.63 -20.77
CA GLY A 434 5.91 8.41 -20.45
C GLY A 434 6.53 8.03 -19.13
N GLY A 435 5.72 7.96 -18.08
CA GLY A 435 6.25 7.60 -16.78
C GLY A 435 6.88 6.22 -16.78
N VAL A 436 6.24 5.25 -17.45
CA VAL A 436 6.80 3.90 -17.50
C VAL A 436 8.13 3.92 -18.22
N LEU A 437 8.21 4.61 -19.36
CA LEU A 437 9.46 4.65 -20.12
C LEU A 437 10.60 5.26 -19.31
N ASP A 438 10.35 6.41 -18.68
CA ASP A 438 11.36 7.06 -17.84
C ASP A 438 11.85 6.13 -16.75
N PHE A 439 10.92 5.49 -16.04
CA PHE A 439 11.24 4.43 -15.09
C PHE A 439 12.14 3.35 -15.73
N LEU A 440 11.73 2.83 -16.88
CA LEU A 440 12.50 1.74 -17.48
C LEU A 440 13.89 2.20 -17.94
N GLU A 441 14.03 3.45 -18.40
CA GLU A 441 15.36 3.93 -18.77
C GLU A 441 16.30 3.94 -17.57
N GLU A 442 15.82 4.45 -16.44
CA GLU A 442 16.59 4.37 -15.20
C GLU A 442 17.00 2.93 -14.88
N VAL A 443 16.01 2.03 -14.89
CA VAL A 443 16.31 0.64 -14.55
C VAL A 443 17.40 0.11 -15.47
N HIS A 444 17.28 0.41 -16.76
CA HIS A 444 18.27 -0.04 -17.72
C HIS A 444 19.65 0.53 -17.40
N HIS A 445 19.73 1.82 -17.06
CA HIS A 445 21.04 2.43 -16.84
C HIS A 445 21.73 1.83 -15.61
N LYS A 446 21.00 1.70 -14.51
CA LYS A 446 21.56 1.05 -13.32
C LYS A 446 22.06 -0.35 -13.63
N GLN A 447 21.23 -1.16 -14.30
CA GLN A 447 21.62 -2.53 -14.64
C GLN A 447 22.85 -2.56 -15.54
N GLU A 448 22.91 -1.67 -16.54
CA GLU A 448 24.08 -1.57 -17.41
C GLU A 448 25.34 -1.15 -16.65
N SER A 449 25.19 -0.53 -15.49
CA SER A 449 26.32 0.04 -14.78
C SER A 449 26.99 -0.97 -13.84
N ILE A 450 26.44 -2.16 -13.66
CA ILE A 450 26.97 -3.14 -12.72
C ILE A 450 27.49 -4.32 -13.53
N MET A 451 28.81 -4.49 -13.55
CA MET A 451 29.38 -5.52 -14.42
C MET A 451 29.09 -6.90 -13.83
N ASP A 452 28.62 -7.80 -14.68
CA ASP A 452 28.32 -9.17 -14.28
C ASP A 452 27.03 -9.27 -13.45
N ALA A 453 26.18 -8.25 -13.47
CA ALA A 453 24.89 -8.32 -12.79
C ALA A 453 24.07 -9.46 -13.38
N GLY A 454 23.35 -10.17 -12.51
CA GLY A 454 22.49 -11.23 -12.97
C GLY A 454 21.22 -10.71 -13.59
N PRO A 455 20.23 -11.59 -13.78
CA PRO A 455 19.00 -11.18 -14.47
C PRO A 455 18.25 -10.15 -13.66
N VAL A 456 17.48 -9.31 -14.33
CA VAL A 456 16.67 -8.28 -13.66
C VAL A 456 15.38 -8.93 -13.18
N VAL A 457 15.10 -8.83 -11.87
CA VAL A 457 13.91 -9.46 -11.29
C VAL A 457 12.72 -8.53 -11.48
N VAL A 458 11.64 -9.06 -12.04
CA VAL A 458 10.45 -8.29 -12.36
C VAL A 458 9.24 -9.06 -11.84
N HIS A 459 8.39 -8.39 -11.06
CA HIS A 459 7.26 -9.06 -10.45
C HIS A 459 6.12 -8.07 -10.28
N CYS A 460 4.90 -8.60 -10.32
CA CYS A 460 3.75 -7.81 -9.91
C CYS A 460 2.98 -8.58 -8.85
N SER A 461 1.75 -8.99 -9.18
CA SER A 461 0.97 -9.87 -8.29
C SER A 461 1.16 -11.31 -8.75
N ALA A 462 0.57 -11.66 -9.89
CA ALA A 462 0.78 -12.97 -10.48
C ALA A 462 2.08 -13.06 -11.27
N GLY A 463 2.68 -11.94 -11.66
CA GLY A 463 3.93 -12.02 -12.42
C GLY A 463 3.81 -12.32 -13.90
N ILE A 464 2.66 -12.04 -14.53
CA ILE A 464 2.51 -12.38 -15.95
C ILE A 464 1.92 -11.22 -16.76
N GLY A 465 1.08 -10.38 -16.16
CA GLY A 465 0.46 -9.32 -16.94
C GLY A 465 1.27 -8.02 -17.00
N ARG A 466 1.23 -7.27 -15.91
CA ARG A 466 2.11 -6.11 -15.78
C ARG A 466 3.56 -6.53 -15.96
N THR A 467 3.94 -7.68 -15.39
CA THR A 467 5.33 -8.12 -15.51
C THR A 467 5.69 -8.40 -16.95
N GLY A 468 4.86 -9.18 -17.65
CA GLY A 468 5.12 -9.46 -19.05
C GLY A 468 5.16 -8.20 -19.88
N THR A 469 4.23 -7.27 -19.62
CA THR A 469 4.20 -6.00 -20.33
C THR A 469 5.51 -5.24 -20.16
N PHE A 470 5.95 -5.06 -18.90
CA PHE A 470 7.23 -4.37 -18.67
C PHE A 470 8.37 -5.09 -19.37
N ILE A 471 8.43 -6.43 -19.26
CA ILE A 471 9.57 -7.13 -19.84
C ILE A 471 9.58 -6.97 -21.36
N VAL A 472 8.40 -7.07 -22.01
CA VAL A 472 8.40 -7.05 -23.47
C VAL A 472 8.77 -5.66 -23.98
N ILE A 473 8.29 -4.61 -23.30
CA ILE A 473 8.67 -3.24 -23.67
C ILE A 473 10.18 -3.07 -23.57
N ASP A 474 10.77 -3.51 -22.44
CA ASP A 474 12.21 -3.45 -22.28
C ASP A 474 12.94 -4.23 -23.37
N ILE A 475 12.45 -5.42 -23.74
CA ILE A 475 13.15 -6.18 -24.77
C ILE A 475 13.15 -5.40 -26.09
N LEU A 476 11.95 -5.00 -26.54
CA LEU A 476 11.83 -4.21 -27.75
C LEU A 476 12.72 -2.98 -27.72
N ILE A 477 12.70 -2.22 -26.62
CA ILE A 477 13.45 -0.97 -26.62
C ILE A 477 14.94 -1.24 -26.64
N ASP A 478 15.39 -2.33 -26.02
CA ASP A 478 16.80 -2.68 -26.07
C ASP A 478 17.25 -2.93 -27.50
N ILE A 479 16.41 -3.60 -28.31
CA ILE A 479 16.74 -3.82 -29.71
C ILE A 479 16.98 -2.49 -30.40
N ILE A 480 16.15 -1.50 -30.09
CA ILE A 480 16.21 -0.20 -30.73
C ILE A 480 17.33 0.66 -30.15
N ARG A 481 17.67 0.48 -28.88
CA ARG A 481 18.76 1.28 -28.32
C ARG A 481 20.10 0.86 -28.90
N GLU A 482 20.26 -0.41 -29.23
CA GLU A 482 21.52 -0.89 -29.80
C GLU A 482 21.63 -0.67 -31.30
N LYS A 483 20.57 -0.92 -32.08
CA LYS A 483 20.62 -0.81 -33.53
C LYS A 483 19.98 0.47 -34.07
N GLY A 484 19.45 1.33 -33.21
CA GLY A 484 18.80 2.54 -33.67
C GLY A 484 17.47 2.26 -34.36
N VAL A 485 16.85 3.34 -34.85
CA VAL A 485 15.53 3.25 -35.45
C VAL A 485 15.51 2.49 -36.76
N ASP A 486 16.66 2.12 -37.30
CA ASP A 486 16.72 1.42 -38.57
CA ASP A 486 16.76 1.42 -38.57
C ASP A 486 16.89 -0.09 -38.35
N CYS A 487 15.92 -0.66 -37.64
CA CYS A 487 15.92 -2.08 -37.34
C CYS A 487 14.50 -2.63 -37.44
N ASP A 488 14.40 -3.95 -37.47
CA ASP A 488 13.12 -4.63 -37.45
C ASP A 488 12.72 -4.96 -36.02
N ILE A 489 11.43 -4.80 -35.72
CA ILE A 489 10.86 -5.29 -34.48
C ILE A 489 9.53 -5.97 -34.83
N ASP A 490 9.15 -6.97 -34.03
CA ASP A 490 7.98 -7.82 -34.30
C ASP A 490 7.26 -8.07 -32.96
N VAL A 491 6.28 -7.22 -32.64
CA VAL A 491 5.69 -7.25 -31.30
C VAL A 491 5.05 -8.59 -30.96
N PRO A 492 4.13 -9.13 -31.78
CA PRO A 492 3.54 -10.43 -31.42
C PRO A 492 4.56 -11.56 -31.35
N LYS A 493 5.55 -11.59 -32.24
CA LYS A 493 6.49 -12.71 -32.19
C LYS A 493 7.34 -12.65 -30.92
N THR A 494 7.77 -11.44 -30.52
CA THR A 494 8.48 -11.27 -29.25
C THR A 494 7.64 -11.74 -28.07
N ILE A 495 6.36 -11.36 -28.03
CA ILE A 495 5.49 -11.82 -26.95
C ILE A 495 5.40 -13.34 -26.95
N GLN A 496 5.29 -13.94 -28.13
CA GLN A 496 5.18 -15.41 -28.20
C GLN A 496 6.44 -16.07 -27.66
N MET A 497 7.60 -15.55 -28.03
CA MET A 497 8.86 -16.05 -27.47
C MET A 497 8.90 -15.92 -25.95
N VAL A 498 8.42 -14.80 -25.41
CA VAL A 498 8.39 -14.63 -23.96
C VAL A 498 7.33 -15.53 -23.32
N ARG A 499 6.17 -15.69 -23.98
CA ARG A 499 5.14 -16.57 -23.43
C ARG A 499 5.55 -18.05 -23.44
N SER A 500 6.54 -18.43 -24.24
CA SER A 500 6.99 -19.82 -24.19
C SER A 500 7.91 -20.09 -23.01
N GLN A 501 8.26 -19.06 -22.23
CA GLN A 501 9.10 -19.20 -21.05
C GLN A 501 8.37 -18.89 -19.75
N ARG A 502 7.21 -18.23 -19.80
CA ARG A 502 6.32 -18.11 -18.63
C ARG A 502 4.88 -17.93 -19.10
N SER A 503 3.96 -18.68 -18.48
CA SER A 503 2.58 -18.72 -18.94
C SER A 503 1.91 -17.34 -18.97
N GLY A 504 1.21 -17.06 -20.06
CA GLY A 504 0.38 -15.88 -20.16
C GLY A 504 1.08 -14.55 -20.05
N MET A 505 2.36 -14.46 -20.41
CA MET A 505 3.01 -13.16 -20.37
C MET A 505 2.29 -12.16 -21.28
N VAL A 506 1.93 -11.00 -20.70
CA VAL A 506 1.05 -9.99 -21.32
C VAL A 506 -0.35 -10.59 -21.39
N GLN A 507 -1.27 -9.99 -20.62
CA GLN A 507 -2.57 -10.57 -20.38
C GLN A 507 -3.67 -10.05 -21.31
N THR A 508 -3.67 -8.77 -21.67
CA THR A 508 -4.85 -8.18 -22.29
C THR A 508 -4.50 -7.37 -23.52
N GLU A 509 -5.54 -7.12 -24.32
CA GLU A 509 -5.37 -6.33 -25.52
C GLU A 509 -4.91 -4.91 -25.19
N ALA A 510 -5.36 -4.38 -24.05
CA ALA A 510 -4.95 -3.05 -23.62
C ALA A 510 -3.47 -3.01 -23.26
N GLN A 511 -2.94 -4.05 -22.62
CA GLN A 511 -1.49 -4.10 -22.42
C GLN A 511 -0.78 -4.19 -23.76
N TYR A 512 -1.33 -4.96 -24.69
CA TYR A 512 -0.75 -5.07 -26.02
C TYR A 512 -0.65 -3.70 -26.67
N ARG A 513 -1.76 -2.96 -26.72
CA ARG A 513 -1.76 -1.63 -27.30
C ARG A 513 -0.79 -0.69 -26.57
N PHE A 514 -0.72 -0.83 -25.24
CA PHE A 514 0.26 -0.06 -24.48
C PHE A 514 1.69 -0.37 -24.93
N ILE A 515 1.99 -1.64 -25.23
CA ILE A 515 3.33 -1.97 -25.68
C ILE A 515 3.65 -1.20 -26.97
N TYR A 516 2.79 -1.36 -27.98
CA TYR A 516 2.94 -0.55 -29.18
C TYR A 516 3.10 0.93 -28.84
N MET A 517 2.19 1.49 -28.04
CA MET A 517 2.22 2.93 -27.79
C MET A 517 3.47 3.34 -27.04
N ALA A 518 4.03 2.45 -26.22
CA ALA A 518 5.27 2.79 -25.54
C ALA A 518 6.47 2.77 -26.50
N VAL A 519 6.50 1.83 -27.44
CA VAL A 519 7.62 1.79 -28.37
C VAL A 519 7.51 2.94 -29.37
N GLN A 520 6.30 3.29 -29.78
CA GLN A 520 6.11 4.52 -30.56
C GLN A 520 6.65 5.73 -29.83
N HIS A 521 6.29 5.88 -28.55
CA HIS A 521 6.75 7.02 -27.76
C HIS A 521 8.26 7.02 -27.58
N TYR A 522 8.87 5.85 -27.33
CA TYR A 522 10.32 5.83 -27.18
C TYR A 522 11.02 6.17 -28.50
N ILE A 523 10.49 5.71 -29.61
CA ILE A 523 11.13 6.01 -30.89
C ILE A 523 11.14 7.51 -31.14
N GLU A 524 10.08 8.21 -30.75
CA GLU A 524 9.95 9.64 -31.04
C GLU A 524 10.63 10.53 -30.01
N THR A 525 11.14 9.98 -28.89
CA THR A 525 12.04 10.73 -28.02
C THR A 525 13.48 10.73 -28.51
N LEU A 526 13.81 9.84 -29.45
CA LEU A 526 15.16 9.81 -30.02
C LEU A 526 15.31 10.85 -31.13
N SER B 4 3.34 21.86 36.84
CA SER B 4 4.37 22.67 36.18
C SER B 4 5.23 21.86 35.17
N ARG B 5 5.63 20.65 35.54
CA ARG B 5 6.44 19.75 34.70
C ARG B 5 7.87 20.25 34.49
N ARG B 6 8.40 21.06 35.41
CA ARG B 6 9.80 21.42 35.32
C ARG B 6 10.75 20.29 35.67
N TRP B 7 10.25 19.20 36.27
CA TRP B 7 11.11 18.08 36.65
C TRP B 7 11.59 17.27 35.45
N PHE B 8 11.10 17.54 34.24
CA PHE B 8 11.57 16.86 33.04
C PHE B 8 12.71 17.63 32.41
N HIS B 9 13.82 16.95 32.16
CA HIS B 9 15.00 17.58 31.58
C HIS B 9 15.25 17.05 30.18
N PRO B 10 14.90 17.80 29.14
CA PRO B 10 14.90 17.22 27.79
C PRO B 10 16.28 16.82 27.27
N ASN B 11 17.35 17.52 27.63
CA ASN B 11 18.62 17.23 26.98
C ASN B 11 19.76 17.15 27.98
N ILE B 12 19.59 16.33 29.01
CA ILE B 12 20.71 16.00 29.88
C ILE B 12 21.04 14.53 29.72
N THR B 13 22.31 14.22 29.93
CA THR B 13 22.79 12.85 30.01
C THR B 13 22.50 12.27 31.39
N GLY B 14 22.59 10.93 31.48
CA GLY B 14 22.42 10.28 32.77
C GLY B 14 23.49 10.69 33.76
N VAL B 15 24.71 10.94 33.26
CA VAL B 15 25.77 11.44 34.12
C VAL B 15 25.48 12.86 34.57
N GLU B 16 24.91 13.68 33.68
CA GLU B 16 24.52 15.03 34.08
C GLU B 16 23.40 14.98 35.11
N ALA B 17 22.43 14.08 34.92
CA ALA B 17 21.35 13.94 35.90
C ALA B 17 21.89 13.52 37.25
N GLU B 18 22.66 12.44 37.27
CA GLU B 18 23.33 12.03 38.50
C GLU B 18 24.03 13.23 39.13
N ASN B 19 24.84 13.93 38.34
N ASN B 19 24.82 13.94 38.34
CA ASN B 19 25.59 15.08 38.84
CA ASN B 19 25.61 15.07 38.86
C ASN B 19 24.66 16.17 39.33
C ASN B 19 24.71 16.25 39.24
N LEU B 20 23.50 16.33 38.70
CA LEU B 20 22.58 17.38 39.10
C LEU B 20 21.92 17.03 40.43
N LEU B 21 21.38 15.81 40.53
CA LEU B 21 20.75 15.38 41.77
C LEU B 21 21.74 15.44 42.94
N LEU B 22 23.02 15.18 42.67
CA LEU B 22 23.99 15.06 43.74
C LEU B 22 24.42 16.44 44.24
N THR B 23 24.74 17.34 43.31
CA THR B 23 25.23 18.67 43.67
C THR B 23 24.14 19.70 43.93
N ARG B 24 22.93 19.48 43.42
CA ARG B 24 21.90 20.50 43.50
C ARG B 24 20.62 19.98 44.14
N GLY B 25 20.59 18.72 44.60
CA GLY B 25 19.40 18.15 45.17
C GLY B 25 19.69 17.52 46.53
N VAL B 26 18.62 17.03 47.15
CA VAL B 26 18.68 16.32 48.42
C VAL B 26 17.95 14.98 48.27
N ASP B 27 18.01 14.15 49.30
CA ASP B 27 17.26 12.91 49.28
C ASP B 27 15.76 13.19 49.12
N GLY B 28 15.11 12.38 48.29
CA GLY B 28 13.76 12.66 47.83
C GLY B 28 13.70 13.44 46.53
N SER B 29 14.80 14.02 46.08
CA SER B 29 14.82 14.76 44.82
C SER B 29 14.81 13.81 43.64
N PHE B 30 14.20 14.28 42.55
CA PHE B 30 14.07 13.44 41.36
C PHE B 30 13.91 14.33 40.13
N LEU B 31 14.13 13.70 38.98
CA LEU B 31 13.86 14.28 37.68
C LEU B 31 13.53 13.13 36.74
N ALA B 32 12.98 13.46 35.57
CA ALA B 32 12.76 12.52 34.50
C ALA B 32 13.39 13.09 33.22
N ARG B 33 13.84 12.19 32.35
CA ARG B 33 14.65 12.59 31.20
C ARG B 33 14.48 11.55 30.10
N PRO B 34 14.91 11.88 28.89
CA PRO B 34 14.92 10.87 27.82
C PRO B 34 16.08 9.92 28.02
N SER B 35 15.86 8.66 27.70
CA SER B 35 16.96 7.69 27.79
C SER B 35 17.84 7.83 26.55
N LYS B 36 19.15 7.85 26.76
CA LYS B 36 20.06 7.92 25.63
C LYS B 36 20.56 6.54 25.20
N SER B 37 20.40 5.54 26.06
CA SER B 37 20.70 4.15 25.71
C SER B 37 19.62 3.58 24.80
N ASN B 38 18.36 3.59 25.26
CA ASN B 38 17.24 3.15 24.43
C ASN B 38 16.43 4.37 24.00
N PRO B 39 16.74 4.96 22.85
CA PRO B 39 15.89 6.04 22.33
C PRO B 39 14.45 5.59 22.15
N GLY B 40 13.53 6.33 22.76
CA GLY B 40 12.13 5.96 22.86
C GLY B 40 11.69 5.70 24.28
N ASP B 41 12.60 5.28 25.15
CA ASP B 41 12.36 5.11 26.56
C ASP B 41 12.59 6.43 27.31
N PHE B 42 12.26 6.43 28.60
CA PHE B 42 12.57 7.54 29.47
C PHE B 42 13.11 6.96 30.76
N THR B 43 13.70 7.83 31.56
CA THR B 43 14.30 7.43 32.83
C THR B 43 13.86 8.37 33.94
N LEU B 44 13.57 7.77 35.09
CA LEU B 44 13.22 8.49 36.31
C LEU B 44 14.39 8.35 37.26
N SER B 45 15.05 9.46 37.56
CA SER B 45 16.24 9.47 38.42
C SER B 45 15.93 10.10 39.77
N VAL B 46 16.29 9.38 40.84
CA VAL B 46 15.85 9.67 42.20
C VAL B 46 17.04 9.61 43.13
N ARG B 47 17.09 10.53 44.09
CA ARG B 47 18.15 10.55 45.08
C ARG B 47 17.64 9.83 46.33
N ARG B 48 18.48 8.95 46.88
CA ARG B 48 18.10 8.17 48.04
C ARG B 48 19.39 7.84 48.80
N ASN B 49 19.38 8.12 50.10
CA ASN B 49 20.53 7.88 50.98
C ASN B 49 21.84 8.36 50.34
N GLY B 50 21.77 9.43 49.56
CA GLY B 50 22.95 9.99 48.94
C GLY B 50 23.39 9.33 47.65
N ALA B 51 22.55 8.52 47.01
CA ALA B 51 22.89 7.90 45.75
C ALA B 51 21.75 8.08 44.75
N VAL B 52 22.09 7.99 43.47
CA VAL B 52 21.11 8.14 42.39
C VAL B 52 20.75 6.76 41.86
N THR B 53 19.46 6.42 41.93
CA THR B 53 18.91 5.26 41.26
C THR B 53 18.14 5.76 40.03
N HIS B 54 18.30 5.06 38.91
CA HIS B 54 17.63 5.39 37.64
C HIS B 54 16.60 4.32 37.34
N ILE B 55 15.34 4.71 37.13
CA ILE B 55 14.27 3.78 36.83
C ILE B 55 13.86 3.96 35.37
N LYS B 56 13.83 2.84 34.65
CA LYS B 56 13.44 2.86 33.24
C LYS B 56 11.94 3.06 33.11
N ILE B 57 11.56 3.85 32.11
CA ILE B 57 10.18 4.00 31.68
C ILE B 57 10.11 3.62 30.21
N GLN B 58 9.20 2.72 29.87
CA GLN B 58 9.06 2.26 28.50
C GLN B 58 7.75 2.77 27.91
N ASN B 59 7.78 3.06 26.60
CA ASN B 59 6.55 3.35 25.87
C ASN B 59 6.70 2.88 24.43
N THR B 60 6.05 1.77 24.10
CA THR B 60 6.01 1.32 22.70
C THR B 60 4.83 1.89 21.94
N GLY B 61 3.98 2.68 22.58
CA GLY B 61 2.83 3.22 21.89
C GLY B 61 1.52 3.12 22.64
N ASP B 62 1.50 2.39 23.75
CA ASP B 62 0.24 2.12 24.45
C ASP B 62 0.11 2.79 25.81
N TYR B 63 1.22 3.07 26.50
CA TYR B 63 1.23 3.66 27.83
C TYR B 63 2.67 3.69 28.33
N TYR B 64 2.91 4.48 29.36
CA TYR B 64 4.23 4.53 29.99
C TYR B 64 4.28 3.42 31.03
N ASP B 65 5.29 2.55 30.92
CA ASP B 65 5.46 1.39 31.79
C ASP B 65 6.66 1.63 32.69
N LEU B 66 6.40 1.95 33.96
CA LEU B 66 7.45 2.19 34.94
C LEU B 66 7.98 0.84 35.41
N TYR B 67 9.27 0.62 35.25
CA TYR B 67 9.84 -0.67 35.62
C TYR B 67 9.69 -0.91 37.11
N GLY B 68 9.05 -2.03 37.48
CA GLY B 68 8.75 -2.26 38.87
C GLY B 68 7.65 -1.41 39.45
N GLY B 69 6.83 -0.76 38.59
CA GLY B 69 5.75 0.09 39.03
C GLY B 69 4.50 -0.08 38.17
N GLU B 70 3.63 0.93 38.14
CA GLU B 70 2.39 0.85 37.38
C GLU B 70 2.57 1.34 35.96
N LYS B 71 1.47 1.36 35.23
CA LYS B 71 1.41 1.92 33.89
C LYS B 71 0.59 3.21 33.93
N PHE B 72 0.99 4.19 33.14
CA PHE B 72 0.38 5.50 33.23
C PHE B 72 0.13 6.08 31.85
N ALA B 73 -0.82 7.04 31.80
CA ALA B 73 -1.19 7.68 30.54
C ALA B 73 -0.23 8.81 30.16
N THR B 74 0.32 9.53 31.15
CA THR B 74 1.34 10.55 30.89
C THR B 74 2.37 10.52 32.01
N LEU B 75 3.53 11.13 31.76
CA LEU B 75 4.55 11.22 32.81
C LEU B 75 4.07 12.11 33.95
N ALA B 76 3.32 13.16 33.62
CA ALA B 76 2.82 14.05 34.66
C ALA B 76 1.87 13.31 35.58
N GLU B 77 0.99 12.48 34.99
CA GLU B 77 0.09 11.64 35.78
C GLU B 77 0.87 10.61 36.57
N LEU B 78 1.96 10.10 35.98
CA LEU B 78 2.87 9.25 36.72
C LEU B 78 3.46 9.97 37.93
N VAL B 79 4.04 11.16 37.72
CA VAL B 79 4.67 11.87 38.82
C VAL B 79 3.64 12.23 39.89
N GLN B 80 2.48 12.74 39.46
CA GLN B 80 1.49 13.16 40.43
C GLN B 80 1.01 11.98 41.28
N TYR B 81 1.07 10.76 40.74
CA TYR B 81 0.57 9.63 41.49
C TYR B 81 1.53 9.23 42.61
N TYR B 82 2.83 9.23 42.31
CA TYR B 82 3.79 8.90 43.34
C TYR B 82 4.07 10.08 44.28
N MET B 83 3.70 11.30 43.87
CA MET B 83 3.85 12.49 44.68
C MET B 83 2.68 12.65 45.65
N GLU B 84 1.45 12.60 45.12
CA GLU B 84 0.23 12.86 45.88
C GLU B 84 -0.15 11.68 46.76
N HIS B 85 0.26 10.48 46.39
CA HIS B 85 0.20 9.30 47.24
C HIS B 85 1.62 8.84 47.54
N HIS B 86 1.76 8.02 48.57
CA HIS B 86 3.10 7.67 49.06
C HIS B 86 3.11 6.23 49.56
N GLY B 87 4.15 5.50 49.17
CA GLY B 87 4.34 4.11 49.57
C GLY B 87 4.42 3.13 48.43
N GLN B 88 4.07 3.53 47.20
CA GLN B 88 3.90 2.58 46.11
C GLN B 88 5.17 2.35 45.30
N LEU B 89 5.92 3.39 44.95
CA LEU B 89 7.12 3.13 44.15
C LEU B 89 8.11 2.30 44.95
N LYS B 90 8.35 1.06 44.51
CA LYS B 90 9.32 0.16 45.17
C LYS B 90 10.42 -0.26 44.21
N GLY B 94 12.70 -4.54 46.40
CA GLY B 94 11.46 -4.09 47.00
C GLY B 94 11.60 -2.82 47.82
N ASP B 95 12.69 -2.10 47.62
CA ASP B 95 12.97 -0.90 48.39
C ASP B 95 12.08 0.26 47.99
N VAL B 96 11.58 0.99 48.99
CA VAL B 96 10.72 2.15 48.77
C VAL B 96 11.54 3.33 48.26
N ILE B 97 11.06 3.95 47.18
CA ILE B 97 11.66 5.16 46.63
C ILE B 97 10.62 6.26 46.73
N GLU B 98 11.00 7.36 47.38
CA GLU B 98 10.09 8.47 47.61
C GLU B 98 10.35 9.56 46.57
N LEU B 99 9.27 10.06 45.97
CA LEU B 99 9.32 11.21 45.06
C LEU B 99 8.84 12.42 45.87
N LYS B 100 9.79 13.14 46.46
CA LYS B 100 9.49 14.29 47.31
C LYS B 100 9.71 15.61 46.59
N TYR B 101 10.88 15.81 46.00
CA TYR B 101 11.33 17.13 45.57
C TYR B 101 11.67 17.17 44.09
N PRO B 102 10.83 17.74 43.24
CA PRO B 102 11.23 17.93 41.84
C PRO B 102 12.52 18.72 41.75
N LEU B 103 13.41 18.29 40.87
CA LEU B 103 14.60 19.06 40.52
C LEU B 103 14.28 19.76 39.21
N ASN B 104 14.13 21.08 39.27
CA ASN B 104 13.60 21.81 38.13
C ASN B 104 14.67 22.06 37.08
N CYS B 105 14.24 22.15 35.85
CA CYS B 105 15.14 22.31 34.73
C CYS B 105 15.09 23.76 34.28
N ALA B 106 16.24 24.30 33.92
CA ALA B 106 16.25 25.67 33.47
C ALA B 106 16.19 25.81 31.95
N ASP B 107 16.33 24.69 31.22
CA ASP B 107 16.38 24.73 29.77
C ASP B 107 15.05 25.27 29.21
N PRO B 108 15.07 26.21 28.28
CA PRO B 108 13.81 26.69 27.66
C PRO B 108 13.47 26.09 26.30
N THR B 109 14.18 25.05 25.86
CA THR B 109 14.04 24.54 24.50
C THR B 109 12.65 23.97 24.23
N SER B 110 11.91 23.53 25.25
CA SER B 110 10.58 22.98 25.06
C SER B 110 9.47 23.95 25.45
N GLU B 111 9.79 25.24 25.62
CA GLU B 111 8.76 26.26 25.83
C GLU B 111 8.18 26.70 24.50
N ARG B 112 6.87 26.96 24.49
CA ARG B 112 6.22 27.31 23.24
C ARG B 112 6.76 28.63 22.69
N TRP B 113 7.13 29.57 23.57
CA TRP B 113 7.55 30.91 23.15
C TRP B 113 9.03 31.02 22.82
N PHE B 114 9.84 30.01 23.05
CA PHE B 114 11.27 30.12 22.79
C PHE B 114 11.58 29.79 21.34
N HIS B 115 12.42 30.62 20.71
CA HIS B 115 12.71 30.48 19.29
C HIS B 115 14.20 30.52 18.95
N GLY B 116 15.09 30.38 19.93
CA GLY B 116 16.52 30.35 19.67
C GLY B 116 17.00 31.41 18.70
N HIS B 117 17.66 31.01 17.61
CA HIS B 117 18.20 31.96 16.64
C HIS B 117 17.07 32.54 15.82
N LEU B 118 16.76 33.82 16.02
CA LEU B 118 15.68 34.48 15.31
C LEU B 118 15.96 35.98 15.31
N SER B 119 16.03 36.58 14.12
CA SER B 119 16.40 37.98 14.03
C SER B 119 15.25 38.87 14.50
N GLY B 120 15.54 40.16 14.67
CA GLY B 120 14.53 41.09 15.13
C GLY B 120 13.47 41.37 14.08
N LYS B 121 13.85 41.33 12.80
CA LYS B 121 12.88 41.49 11.72
C LYS B 121 12.06 40.23 11.53
N GLU B 122 12.70 39.05 11.51
CA GLU B 122 11.96 37.79 11.47
C GLU B 122 10.92 37.74 12.57
N ALA B 123 11.33 38.04 13.81
CA ALA B 123 10.39 38.09 14.92
C ALA B 123 9.28 39.10 14.66
N GLU B 124 9.60 40.16 13.92
CA GLU B 124 8.60 41.16 13.58
C GLU B 124 7.65 40.63 12.50
N LYS B 125 8.19 40.13 11.39
CA LYS B 125 7.32 39.62 10.33
C LYS B 125 6.36 38.56 10.89
N LEU B 126 6.86 37.67 11.74
CA LEU B 126 6.02 36.62 12.31
C LEU B 126 4.94 37.22 13.19
N LEU B 127 5.33 38.01 14.19
CA LEU B 127 4.38 38.62 15.11
C LEU B 127 3.31 39.41 14.35
N THR B 128 3.73 40.14 13.32
CA THR B 128 2.78 40.96 12.57
C THR B 128 1.77 40.10 11.83
N GLU B 129 2.25 39.04 11.16
CA GLU B 129 1.40 38.29 10.24
C GLU B 129 0.45 37.36 10.98
N LYS B 130 0.95 36.63 11.98
CA LYS B 130 0.14 35.65 12.70
C LYS B 130 -0.12 36.01 14.15
N GLY B 131 0.67 36.90 14.74
CA GLY B 131 0.43 37.27 16.12
C GLY B 131 -0.77 38.19 16.30
N LYS B 132 -1.21 38.27 17.54
CA LYS B 132 -2.32 39.16 17.90
C LYS B 132 -1.94 39.93 19.17
N HIS B 133 -2.89 40.63 19.77
CA HIS B 133 -2.52 41.37 20.98
C HIS B 133 -2.06 40.40 22.06
N GLY B 134 -0.93 40.73 22.68
CA GLY B 134 -0.36 39.89 23.71
C GLY B 134 0.48 38.73 23.23
N SER B 135 0.62 38.55 21.92
CA SER B 135 1.47 37.49 21.39
C SER B 135 2.93 37.88 21.53
N PHE B 136 3.75 36.91 21.92
CA PHE B 136 5.12 37.23 22.33
C PHE B 136 5.99 36.03 22.07
N LEU B 137 7.30 36.28 22.07
CA LEU B 137 8.28 35.23 21.92
C LEU B 137 9.55 35.69 22.60
N VAL B 138 10.48 34.77 22.78
CA VAL B 138 11.81 35.08 23.29
C VAL B 138 12.81 34.50 22.31
N ARG B 139 13.74 35.33 21.86
CA ARG B 139 14.77 34.94 20.91
C ARG B 139 16.15 35.21 21.49
N GLU B 140 17.15 34.63 20.85
CA GLU B 140 18.52 34.75 21.29
C GLU B 140 19.12 36.08 20.88
N SER B 141 20.20 36.46 21.58
CA SER B 141 21.10 37.56 21.28
C SER B 141 20.50 38.58 20.32
N GLN B 142 21.11 38.70 19.14
CA GLN B 142 21.06 39.87 18.26
C GLN B 142 22.43 40.52 18.23
N SER B 143 22.50 41.75 18.75
CA SER B 143 23.75 42.48 18.88
C SER B 143 24.54 42.09 20.13
N HIS B 144 23.89 41.50 21.12
CA HIS B 144 24.55 41.18 22.39
C HIS B 144 24.70 39.66 22.54
N PRO B 145 25.78 39.08 22.01
CA PRO B 145 25.97 37.63 22.13
C PRO B 145 25.85 37.17 23.56
N GLY B 146 24.98 36.17 23.79
CA GLY B 146 24.69 35.65 25.10
C GLY B 146 23.40 36.16 25.72
N ASP B 147 22.87 37.27 25.23
CA ASP B 147 21.65 37.83 25.76
C ASP B 147 20.44 37.34 24.95
N PHE B 148 19.24 37.70 25.41
CA PHE B 148 18.03 37.36 24.69
C PHE B 148 17.17 38.60 24.56
N VAL B 149 16.12 38.47 23.74
CA VAL B 149 15.17 39.53 23.49
C VAL B 149 13.77 39.00 23.71
N LEU B 150 12.92 39.81 24.31
CA LEU B 150 11.50 39.51 24.43
C LEU B 150 10.77 40.39 23.42
N SER B 151 10.13 39.78 22.44
CA SER B 151 9.39 40.53 21.43
C SER B 151 7.89 40.31 21.66
N VAL B 152 7.18 41.40 21.93
CA VAL B 152 5.76 41.35 22.22
C VAL B 152 5.02 42.12 21.15
N ARG B 153 3.78 41.71 20.90
CA ARG B 153 2.88 42.44 20.02
C ARG B 153 1.75 43.01 20.87
N THR B 154 1.57 44.32 20.81
CA THR B 154 0.48 44.98 21.50
C THR B 154 -0.36 45.72 20.47
N GLY B 155 -1.64 45.88 20.79
CA GLY B 155 -2.51 46.60 19.88
C GLY B 155 -3.75 45.82 19.54
N ASP B 156 -4.83 46.12 20.26
CA ASP B 156 -6.07 45.38 20.10
C ASP B 156 -6.66 45.62 18.70
N ASP B 157 -7.49 44.68 18.25
CA ASP B 157 -8.14 44.75 16.94
C ASP B 157 -7.13 44.79 15.80
N ASN B 162 -2.42 47.87 9.28
CA ASN B 162 -1.49 48.96 8.98
C ASN B 162 -1.84 50.26 9.73
N ASP B 163 -3.04 50.27 10.34
CA ASP B 163 -3.55 51.46 11.02
C ASP B 163 -2.60 52.02 12.08
N GLY B 164 -1.47 51.34 12.29
CA GLY B 164 -0.60 51.72 13.39
C GLY B 164 -1.26 51.58 14.74
N LYS B 165 -2.33 50.79 14.84
CA LYS B 165 -2.97 50.49 16.10
C LYS B 165 -2.26 49.37 16.85
N SER B 166 -1.35 48.65 16.18
CA SER B 166 -0.54 47.62 16.80
C SER B 166 0.93 47.88 16.50
N LYS B 167 1.78 47.32 17.35
CA LYS B 167 3.22 47.45 17.22
C LYS B 167 3.85 46.25 17.90
N VAL B 168 5.15 46.07 17.69
CA VAL B 168 5.91 45.06 18.41
C VAL B 168 7.00 45.77 19.21
N THR B 169 7.04 45.49 20.51
CA THR B 169 8.02 46.06 21.41
C THR B 169 9.06 45.01 21.73
N HIS B 170 10.34 45.37 21.65
CA HIS B 170 11.41 44.46 22.05
C HIS B 170 11.96 44.89 23.42
N VAL B 171 12.23 43.90 24.27
CA VAL B 171 12.80 44.11 25.59
C VAL B 171 14.03 43.24 25.73
N MET B 172 15.15 43.84 26.10
CA MET B 172 16.40 43.12 26.22
C MET B 172 16.40 42.32 27.52
N ILE B 173 16.83 41.07 27.45
CA ILE B 173 16.97 40.22 28.61
C ILE B 173 18.46 39.99 28.79
N ARG B 174 19.03 40.50 29.86
CA ARG B 174 20.44 40.28 30.12
C ARG B 174 20.64 38.92 30.74
N CYS B 175 21.63 38.20 30.24
CA CYS B 175 22.12 37.00 30.90
C CYS B 175 23.42 37.38 31.61
N GLN B 176 23.43 37.27 32.93
CA GLN B 176 24.59 37.60 33.73
C GLN B 176 24.78 36.50 34.77
N GLU B 177 25.81 35.68 34.58
CA GLU B 177 26.13 34.57 35.47
C GLU B 177 24.96 33.61 35.60
N LEU B 178 24.51 33.12 34.44
CA LEU B 178 23.45 32.13 34.30
C LEU B 178 22.11 32.60 34.91
N LYS B 179 21.99 33.90 35.15
CA LYS B 179 20.80 34.48 35.75
C LYS B 179 20.27 35.56 34.81
N TYR B 180 18.94 35.71 34.76
CA TYR B 180 18.31 36.50 33.71
C TYR B 180 17.52 37.68 34.28
N ASP B 181 17.58 38.80 33.58
CA ASP B 181 16.90 40.02 34.00
C ASP B 181 16.63 40.88 32.78
N VAL B 182 15.68 41.79 32.92
CA VAL B 182 15.35 42.74 31.88
C VAL B 182 16.05 44.09 32.12
N GLY B 183 17.17 44.09 32.84
CA GLY B 183 17.93 45.32 33.03
C GLY B 183 17.68 46.05 34.33
N GLY B 184 16.97 45.43 35.27
CA GLY B 184 16.64 46.03 36.56
C GLY B 184 15.59 45.13 37.19
N GLY B 185 15.54 45.10 38.51
CA GLY B 185 14.55 44.29 39.18
C GLY B 185 15.15 42.98 39.65
N GLU B 186 14.34 41.92 39.67
CA GLU B 186 14.86 40.62 40.09
C GLU B 186 15.70 39.98 38.99
N ARG B 187 16.60 39.11 39.41
CA ARG B 187 17.34 38.25 38.51
C ARG B 187 16.78 36.84 38.66
N PHE B 188 16.51 36.20 37.53
CA PHE B 188 15.78 34.94 37.54
C PHE B 188 16.70 33.76 37.26
N ASP B 189 16.32 32.61 37.84
CA ASP B 189 17.00 31.34 37.58
C ASP B 189 16.93 30.94 36.11
N SER B 190 15.83 31.29 35.42
CA SER B 190 15.59 30.77 34.08
C SER B 190 14.74 31.76 33.30
N LEU B 191 14.81 31.65 31.96
CA LEU B 191 13.92 32.42 31.11
C LEU B 191 12.47 32.16 31.47
N THR B 192 12.16 30.92 31.86
CA THR B 192 10.79 30.55 32.19
C THR B 192 10.30 31.29 33.42
N ASP B 193 11.15 31.36 34.46
CA ASP B 193 10.82 32.17 35.63
C ASP B 193 10.62 33.63 35.24
N LEU B 194 11.54 34.17 34.44
CA LEU B 194 11.37 35.54 33.96
C LEU B 194 10.04 35.68 33.23
N VAL B 195 9.78 34.81 32.25
CA VAL B 195 8.55 34.94 31.47
C VAL B 195 7.34 34.73 32.37
N GLU B 196 7.41 33.77 33.28
CA GLU B 196 6.29 33.55 34.19
C GLU B 196 6.03 34.79 35.04
N HIS B 197 7.10 35.47 35.45
CA HIS B 197 6.94 36.62 36.34
C HIS B 197 6.42 37.85 35.61
N TYR B 198 6.89 38.11 34.40
CA TYR B 198 6.36 39.25 33.66
C TYR B 198 5.06 38.92 32.93
N LYS B 199 4.61 37.66 33.01
CA LYS B 199 3.28 37.31 32.56
C LYS B 199 2.23 37.69 33.60
N LYS B 200 2.57 37.54 34.90
CA LYS B 200 1.69 37.92 35.99
C LYS B 200 1.85 39.38 36.41
N ASN B 201 3.02 39.97 36.25
CA ASN B 201 3.25 41.38 36.58
C ASN B 201 3.82 42.09 35.36
N PRO B 202 3.00 42.35 34.35
CA PRO B 202 3.52 42.80 33.06
C PRO B 202 4.19 44.16 33.18
N MET B 203 5.23 44.33 32.36
CA MET B 203 5.93 45.61 32.33
C MET B 203 5.02 46.71 31.82
N VAL B 204 5.27 47.92 32.31
CA VAL B 204 4.51 49.10 31.93
C VAL B 204 5.46 50.10 31.27
N GLU B 205 5.07 50.62 30.12
CA GLU B 205 5.91 51.52 29.37
C GLU B 205 5.78 52.93 29.91
N THR B 206 6.72 53.79 29.49
CA THR B 206 6.72 55.18 29.89
C THR B 206 5.36 55.83 29.65
N LEU B 207 4.81 55.68 28.46
CA LEU B 207 3.57 56.37 28.10
C LEU B 207 2.31 55.56 28.41
N GLY B 208 2.43 54.38 29.02
CA GLY B 208 1.29 53.66 29.56
C GLY B 208 1.03 52.30 28.96
N THR B 209 1.54 52.00 27.77
CA THR B 209 1.29 50.69 27.16
C THR B 209 1.76 49.59 28.10
N VAL B 210 0.87 48.63 28.38
CA VAL B 210 1.23 47.48 29.21
C VAL B 210 1.64 46.33 28.29
N LEU B 211 2.85 45.81 28.50
CA LEU B 211 3.40 44.76 27.65
C LEU B 211 2.85 43.40 28.11
N GLN B 212 1.58 43.19 27.81
CA GLN B 212 0.90 41.96 28.24
C GLN B 212 1.49 40.75 27.54
N LEU B 213 1.96 39.79 28.33
CA LEU B 213 2.35 38.47 27.82
C LEU B 213 1.12 37.57 27.88
N LYS B 214 0.33 37.60 26.81
CA LYS B 214 -0.92 36.83 26.82
C LYS B 214 -0.71 35.39 26.33
N GLN B 215 -0.23 35.21 25.11
CA GLN B 215 -0.04 33.88 24.57
C GLN B 215 1.14 33.89 23.62
N PRO B 216 1.88 32.78 23.52
CA PRO B 216 3.04 32.74 22.64
C PRO B 216 2.63 32.84 21.19
N LEU B 217 3.61 33.15 20.34
CA LEU B 217 3.38 33.22 18.91
C LEU B 217 3.21 31.82 18.34
N ASN B 218 2.11 31.59 17.66
CA ASN B 218 1.84 30.26 17.11
C ASN B 218 2.76 29.99 15.93
N THR B 219 3.56 28.92 16.02
CA THR B 219 4.46 28.55 14.93
C THR B 219 4.12 27.20 14.32
N THR B 220 3.02 26.58 14.73
CA THR B 220 2.66 25.25 14.29
C THR B 220 1.46 25.23 13.35
N ARG B 221 0.67 26.30 13.33
CA ARG B 221 -0.41 26.39 12.38
C ARG B 221 0.15 26.59 10.99
N ILE B 222 -0.19 25.68 10.07
CA ILE B 222 0.26 25.75 8.69
C ILE B 222 -0.97 25.70 7.81
N ASN B 223 -0.82 26.28 6.62
CA ASN B 223 -1.80 26.01 5.58
C ASN B 223 -1.58 24.58 5.09
N ALA B 224 -2.67 23.81 4.99
CA ALA B 224 -2.55 22.40 4.64
C ALA B 224 -1.77 22.21 3.35
N ALA B 225 -1.77 23.23 2.47
CA ALA B 225 -1.09 23.10 1.17
C ALA B 225 0.42 22.99 1.32
N GLU B 226 0.98 23.54 2.39
CA GLU B 226 2.42 23.46 2.63
C GLU B 226 2.79 22.37 3.63
N ILE B 227 1.96 21.32 3.73
CA ILE B 227 2.24 20.25 4.70
C ILE B 227 3.56 19.58 4.37
N GLU B 228 3.76 19.23 3.10
CA GLU B 228 4.99 18.54 2.72
C GLU B 228 6.21 19.37 3.09
N SER B 229 6.18 20.66 2.78
CA SER B 229 7.34 21.49 3.07
C SER B 229 7.60 21.52 4.57
N ARG B 230 6.58 21.79 5.38
CA ARG B 230 6.78 21.78 6.83
C ARG B 230 7.25 20.41 7.33
N VAL B 231 6.77 19.34 6.71
CA VAL B 231 7.26 18.01 7.10
C VAL B 231 8.73 17.87 6.77
N ARG B 232 9.18 18.50 5.68
CA ARG B 232 10.60 18.45 5.35
C ARG B 232 11.40 19.32 6.32
N GLU B 233 10.88 20.49 6.67
CA GLU B 233 11.46 21.30 7.74
C GLU B 233 11.67 20.49 9.01
N LEU B 234 10.67 19.70 9.41
CA LEU B 234 10.68 18.93 10.66
C LEU B 234 11.58 17.70 10.61
N SER B 235 12.07 17.31 9.44
CA SER B 235 13.00 16.21 9.32
C SER B 235 14.45 16.68 9.28
N LYS B 236 14.69 17.99 9.28
CA LYS B 236 16.02 18.55 9.45
C LYS B 236 16.43 18.47 10.93
N LEU B 237 17.66 18.91 11.21
CA LEU B 237 18.25 18.82 12.54
C LEU B 237 18.21 20.15 13.29
N GLN B 246 16.22 16.75 15.97
CA GLN B 246 15.30 16.96 14.85
C GLN B 246 14.12 17.86 15.24
N GLY B 247 13.53 18.50 14.23
CA GLY B 247 12.37 19.33 14.48
C GLY B 247 11.19 18.56 15.04
N PHE B 248 10.96 17.33 14.54
CA PHE B 248 9.86 16.51 15.05
C PHE B 248 9.99 16.32 16.56
N TRP B 249 11.20 15.98 17.01
CA TRP B 249 11.41 15.75 18.43
C TRP B 249 11.21 17.04 19.25
N GLU B 250 11.69 18.17 18.73
CA GLU B 250 11.52 19.44 19.41
C GLU B 250 10.05 19.81 19.53
N GLU B 251 9.27 19.63 18.45
CA GLU B 251 7.86 19.99 18.47
C GLU B 251 7.07 19.08 19.40
N PHE B 252 7.28 17.77 19.31
CA PHE B 252 6.56 16.85 20.17
C PHE B 252 6.80 17.17 21.64
N GLU B 253 8.08 17.25 22.03
CA GLU B 253 8.41 17.40 23.44
C GLU B 253 7.95 18.75 23.97
N THR B 254 7.87 19.76 23.09
CA THR B 254 7.23 21.01 23.49
C THR B 254 5.76 20.80 23.77
N LEU B 255 5.11 19.95 22.96
CA LEU B 255 3.74 19.57 23.26
C LEU B 255 3.68 18.78 24.56
N GLN B 256 4.55 17.79 24.72
CA GLN B 256 4.57 17.03 25.96
C GLN B 256 4.64 17.96 27.16
N GLN B 257 5.38 19.06 27.03
CA GLN B 257 5.55 20.01 28.13
C GLN B 257 4.22 20.55 28.63
N GLN B 258 3.25 20.74 27.74
CA GLN B 258 1.96 21.30 28.09
C GLN B 258 1.04 20.32 28.81
N GLU B 259 1.47 19.09 29.07
CA GLU B 259 0.56 18.08 29.62
C GLU B 259 0.27 18.29 31.09
N CYS B 260 1.12 19.04 31.82
CA CYS B 260 0.84 19.38 33.22
CA CYS B 260 0.79 19.30 33.22
C CYS B 260 -0.40 20.24 33.35
N LYS B 261 -0.84 20.84 32.25
CA LYS B 261 -2.07 21.60 32.25
C LYS B 261 -3.32 20.72 32.14
N LEU B 262 -3.18 19.39 32.18
CA LEU B 262 -4.28 18.50 31.89
C LEU B 262 -4.58 17.51 33.01
N LEU B 263 -4.13 17.80 34.22
CA LEU B 263 -4.31 16.91 35.37
C LEU B 263 -5.71 17.06 35.95
N TYR B 264 -6.72 16.81 35.10
CA TYR B 264 -8.07 16.95 35.58
C TYR B 264 -8.45 15.74 36.43
N SER B 265 -9.46 15.92 37.26
CA SER B 265 -9.89 14.87 38.17
C SER B 265 -10.34 13.62 37.40
N ARG B 266 -10.01 12.45 37.95
CA ARG B 266 -10.51 11.15 37.48
C ARG B 266 -10.96 10.29 38.67
N LYS B 267 -11.74 10.88 39.58
CA LYS B 267 -12.10 10.20 40.81
C LYS B 267 -13.07 9.04 40.59
N GLU B 268 -14.08 9.22 39.73
CA GLU B 268 -15.04 8.15 39.49
C GLU B 268 -14.32 6.84 39.20
N GLY B 269 -13.33 6.89 38.29
CA GLY B 269 -12.58 5.70 37.94
C GLY B 269 -11.81 5.09 39.10
N GLN B 270 -11.65 5.80 40.21
CA GLN B 270 -10.90 5.32 41.35
C GLN B 270 -11.78 4.70 42.42
N ARG B 271 -13.09 4.86 42.32
CA ARG B 271 -13.98 4.30 43.32
C ARG B 271 -13.81 2.79 43.41
N GLN B 272 -14.00 2.27 44.62
CA GLN B 272 -13.85 0.84 44.87
C GLN B 272 -14.66 0.02 43.87
N GLU B 273 -15.91 0.39 43.67
CA GLU B 273 -16.80 -0.38 42.81
C GLU B 273 -16.25 -0.49 41.40
N ASN B 274 -15.39 0.44 40.98
CA ASN B 274 -15.00 0.59 39.58
C ASN B 274 -13.59 0.11 39.27
N LYS B 275 -12.80 -0.21 40.30
CA LYS B 275 -11.38 -0.43 40.07
C LYS B 275 -11.14 -1.56 39.07
N ASN B 276 -11.96 -2.61 39.10
CA ASN B 276 -11.68 -3.74 38.24
C ASN B 276 -12.47 -3.68 36.93
N LYS B 277 -13.03 -2.52 36.61
CA LYS B 277 -13.57 -2.21 35.29
C LYS B 277 -12.56 -1.51 34.40
N ASN B 278 -11.37 -1.22 34.92
CA ASN B 278 -10.29 -0.61 34.16
C ASN B 278 -9.27 -1.67 33.77
N ARG B 279 -8.82 -1.63 32.52
CA ARG B 279 -7.80 -2.59 32.11
C ARG B 279 -6.45 -2.25 32.74
N TYR B 280 -6.19 -0.98 32.97
CA TYR B 280 -5.01 -0.50 33.69
C TYR B 280 -5.51 0.43 34.79
N LYS B 281 -5.20 0.09 36.05
CA LYS B 281 -5.84 0.77 37.18
C LYS B 281 -5.56 2.26 37.19
N ASN B 282 -4.42 2.69 36.65
CA ASN B 282 -4.06 4.10 36.69
C ASN B 282 -4.32 4.84 35.39
N ILE B 283 -4.88 4.18 34.39
CA ILE B 283 -5.27 4.86 33.15
C ILE B 283 -6.79 4.99 33.21
N LEU B 284 -7.28 6.18 33.57
CA LEU B 284 -8.67 6.39 33.90
C LEU B 284 -9.26 7.53 33.09
N PRO B 285 -10.59 7.57 32.97
CA PRO B 285 -11.24 8.64 32.20
C PRO B 285 -11.49 9.87 33.05
N PHE B 286 -11.24 11.05 32.48
CA PHE B 286 -11.58 12.27 33.20
C PHE B 286 -13.04 12.21 33.62
N ASP B 287 -13.29 12.57 34.87
CA ASP B 287 -14.67 12.70 35.33
C ASP B 287 -15.51 13.54 34.37
N HIS B 288 -14.97 14.66 33.86
CA HIS B 288 -15.86 15.63 33.25
C HIS B 288 -16.25 15.30 31.80
N THR B 289 -15.56 14.36 31.16
CA THR B 289 -15.92 13.90 29.82
C THR B 289 -16.18 12.39 29.76
N ARG B 290 -16.17 11.68 30.89
CA ARG B 290 -16.37 10.24 30.86
C ARG B 290 -17.76 9.90 30.35
N VAL B 291 -17.88 8.74 29.71
CA VAL B 291 -19.19 8.24 29.35
C VAL B 291 -19.91 7.77 30.62
N VAL B 292 -21.11 8.28 30.83
CA VAL B 292 -21.92 7.97 32.02
C VAL B 292 -23.07 7.05 31.58
N LEU B 293 -23.08 5.83 32.08
CA LEU B 293 -24.14 4.89 31.72
C LEU B 293 -25.36 5.08 32.62
N HIS B 294 -26.51 5.30 32.01
CA HIS B 294 -27.79 5.50 32.66
C HIS B 294 -28.62 4.21 32.50
N ASP B 295 -29.79 4.20 33.11
CA ASP B 295 -30.75 3.09 32.98
C ASP B 295 -30.11 1.74 33.30
N GLY B 296 -29.55 1.66 34.52
CA GLY B 296 -28.85 0.46 34.97
C GLY B 296 -29.62 -0.44 35.94
N VAL B 302 -22.93 0.58 41.92
CA VAL B 302 -22.46 1.46 40.87
C VAL B 302 -22.61 0.79 39.51
N SER B 303 -23.52 1.34 38.72
CA SER B 303 -23.81 0.84 37.38
C SER B 303 -23.52 1.86 36.29
N ASP B 304 -22.82 2.96 36.61
CA ASP B 304 -22.73 4.09 35.68
C ASP B 304 -21.35 4.25 35.05
N TYR B 305 -20.45 3.30 35.26
CA TYR B 305 -19.04 3.50 34.93
C TYR B 305 -18.57 2.64 33.77
N ILE B 306 -17.78 3.25 32.90
CA ILE B 306 -16.98 2.56 31.90
C ILE B 306 -15.77 3.42 31.61
N ASN B 307 -14.63 2.78 31.36
CA ASN B 307 -13.42 3.54 31.04
C ASN B 307 -13.53 4.03 29.60
N ALA B 308 -14.10 5.22 29.43
CA ALA B 308 -14.39 5.74 28.11
C ALA B 308 -14.70 7.23 28.23
N ASN B 309 -14.29 7.98 27.21
CA ASN B 309 -14.53 9.42 27.18
C ASN B 309 -15.11 9.83 25.83
N ILE B 310 -15.96 10.84 25.88
CA ILE B 310 -16.46 11.52 24.69
C ILE B 310 -15.38 12.46 24.18
N ILE B 311 -15.07 12.36 22.90
CA ILE B 311 -14.09 13.20 22.23
C ILE B 311 -14.86 14.05 21.22
N MET B 312 -15.01 15.33 21.54
CA MET B 312 -15.67 16.26 20.64
C MET B 312 -14.65 17.19 20.01
N PRO B 313 -14.48 17.19 18.69
CA PRO B 313 -13.57 18.17 18.07
C PRO B 313 -14.09 19.58 18.32
N GLU B 314 -13.19 20.45 18.78
CA GLU B 314 -13.59 21.80 19.12
C GLU B 314 -12.88 22.80 18.22
N PRO B 324 -23.31 15.91 11.05
CA PRO B 324 -22.73 17.24 10.79
C PRO B 324 -21.33 17.39 11.40
N LYS B 325 -21.23 17.60 12.71
CA LYS B 325 -19.94 17.52 13.39
C LYS B 325 -19.81 16.13 13.98
N LYS B 326 -18.80 15.39 13.52
CA LYS B 326 -18.55 14.04 14.00
C LYS B 326 -17.91 14.07 15.37
N SER B 327 -18.37 13.18 16.23
CA SER B 327 -17.84 13.05 17.57
C SER B 327 -17.37 11.62 17.78
N TYR B 328 -16.56 11.42 18.82
CA TYR B 328 -15.95 10.13 19.08
C TYR B 328 -16.16 9.70 20.52
N ILE B 329 -16.10 8.39 20.72
CA ILE B 329 -15.92 7.81 22.04
C ILE B 329 -14.58 7.09 22.06
N ALA B 330 -13.66 7.57 22.89
CA ALA B 330 -12.37 6.91 23.06
C ALA B 330 -12.47 5.96 24.26
N THR B 331 -12.13 4.69 24.05
CA THR B 331 -12.38 3.72 25.12
C THR B 331 -11.31 2.65 25.09
N GLN B 332 -11.24 1.89 26.18
CA GLN B 332 -10.29 0.80 26.33
C GLN B 332 -10.83 -0.46 25.66
N GLY B 333 -9.96 -1.44 25.51
CA GLY B 333 -10.40 -2.77 25.11
C GLY B 333 -11.20 -3.42 26.23
N CYS B 334 -12.40 -3.86 25.91
CA CYS B 334 -13.29 -4.64 26.79
C CYS B 334 -12.56 -5.63 27.67
N LEU B 335 -12.86 -5.59 28.95
CA LEU B 335 -12.56 -6.72 29.82
C LEU B 335 -13.73 -7.69 29.81
N GLN B 336 -13.49 -8.92 30.27
CA GLN B 336 -14.59 -9.88 30.31
C GLN B 336 -15.74 -9.34 31.16
N ASN B 337 -15.42 -8.63 32.24
CA ASN B 337 -16.45 -8.07 33.12
C ASN B 337 -16.91 -6.67 32.73
N THR B 338 -16.56 -6.19 31.53
CA THR B 338 -17.12 -4.92 31.05
C THR B 338 -17.76 -5.05 29.67
N VAL B 339 -17.87 -6.27 29.14
CA VAL B 339 -18.50 -6.46 27.82
C VAL B 339 -19.95 -5.98 27.83
N ASN B 340 -20.71 -6.28 28.89
CA ASN B 340 -22.08 -5.79 28.96
C ASN B 340 -22.14 -4.28 29.06
N ASP B 341 -21.27 -3.70 29.88
CA ASP B 341 -21.20 -2.25 29.97
C ASP B 341 -20.87 -1.65 28.59
N PHE B 342 -19.93 -2.27 27.87
CA PHE B 342 -19.57 -1.76 26.55
C PHE B 342 -20.78 -1.70 25.63
N TRP B 343 -21.63 -2.74 25.64
CA TRP B 343 -22.78 -2.68 24.74
C TRP B 343 -23.86 -1.72 25.26
N ARG B 344 -24.03 -1.56 26.58
CA ARG B 344 -24.89 -0.49 27.08
C ARG B 344 -24.43 0.87 26.58
N MET B 345 -23.11 1.08 26.56
CA MET B 345 -22.56 2.34 26.06
C MET B 345 -22.92 2.53 24.59
N VAL B 346 -22.70 1.51 23.77
CA VAL B 346 -22.97 1.64 22.34
C VAL B 346 -24.45 1.91 22.11
N PHE B 347 -25.31 1.22 22.84
CA PHE B 347 -26.74 1.40 22.64
C PHE B 347 -27.16 2.81 23.10
N GLN B 348 -26.83 3.17 24.34
CA GLN B 348 -27.29 4.44 24.86
C GLN B 348 -26.76 5.62 24.04
N GLU B 349 -25.51 5.52 23.56
CA GLU B 349 -24.94 6.64 22.83
C GLU B 349 -25.35 6.65 21.36
N ASN B 350 -26.17 5.69 20.94
CA ASN B 350 -26.66 5.61 19.57
C ASN B 350 -25.51 5.49 18.56
N SER B 351 -24.39 4.93 19.00
CA SER B 351 -23.25 4.74 18.11
C SER B 351 -23.55 3.69 17.04
N ARG B 352 -23.11 3.97 15.81
CA ARG B 352 -23.37 3.07 14.71
C ARG B 352 -22.11 2.48 14.11
N VAL B 353 -20.93 2.88 14.55
CA VAL B 353 -19.68 2.43 13.97
C VAL B 353 -18.68 2.24 15.10
N ILE B 354 -18.00 1.11 15.10
CA ILE B 354 -16.96 0.81 16.07
C ILE B 354 -15.66 0.60 15.31
N VAL B 355 -14.59 1.20 15.81
CA VAL B 355 -13.28 1.07 15.23
C VAL B 355 -12.38 0.40 16.26
N MET B 356 -11.87 -0.77 15.91
CA MET B 356 -11.00 -1.56 16.76
C MET B 356 -9.62 -1.60 16.11
N THR B 357 -8.59 -1.18 16.85
CA THR B 357 -7.26 -1.01 16.25
C THR B 357 -6.23 -1.89 16.93
N THR B 358 -6.66 -3.06 17.39
CA THR B 358 -5.80 -4.05 18.00
C THR B 358 -6.31 -5.44 17.61
N LYS B 359 -5.39 -6.41 17.57
CA LYS B 359 -5.80 -7.81 17.65
C LYS B 359 -6.25 -8.12 19.08
N GLU B 360 -7.02 -9.20 19.23
CA GLU B 360 -7.42 -9.58 20.58
C GLU B 360 -6.21 -9.92 21.43
N VAL B 361 -5.17 -10.49 20.81
CA VAL B 361 -3.99 -10.93 21.53
C VAL B 361 -2.77 -10.55 20.68
N GLU B 362 -1.87 -9.76 21.27
CA GLU B 362 -0.63 -9.36 20.62
C GLU B 362 0.54 -9.69 21.53
N ARG B 363 1.58 -10.33 20.98
CA ARG B 363 2.76 -10.71 21.76
C ARG B 363 2.37 -11.59 22.95
N GLY B 364 1.39 -12.47 22.73
CA GLY B 364 0.96 -13.40 23.76
C GLY B 364 0.20 -12.78 24.90
N LYS B 365 0.16 -11.46 25.01
CA LYS B 365 -0.62 -10.77 26.02
C LYS B 365 -2.02 -10.46 25.47
N SER B 366 -2.99 -10.37 26.38
CA SER B 366 -4.38 -10.16 25.99
C SER B 366 -4.66 -8.67 26.01
N LYS B 367 -5.27 -8.18 24.94
CA LYS B 367 -5.51 -6.76 24.72
C LYS B 367 -6.99 -6.40 24.69
N CYS B 368 -7.83 -7.31 24.25
CA CYS B 368 -9.26 -7.04 24.17
C CYS B 368 -9.97 -8.38 24.05
N VAL B 369 -10.86 -8.67 24.99
CA VAL B 369 -11.66 -9.89 24.88
C VAL B 369 -12.61 -9.75 23.69
N LYS B 370 -12.98 -10.88 23.10
CA LYS B 370 -13.95 -10.89 22.01
C LYS B 370 -15.31 -10.50 22.56
N TYR B 371 -15.85 -9.38 22.09
CA TYR B 371 -17.11 -8.84 22.62
C TYR B 371 -18.22 -8.88 21.58
N TRP B 372 -17.97 -9.52 20.44
CA TRP B 372 -18.91 -9.71 19.37
C TRP B 372 -19.09 -11.20 19.10
N PRO B 373 -20.25 -11.61 18.61
CA PRO B 373 -20.43 -13.02 18.23
C PRO B 373 -19.65 -13.40 16.98
N ASP B 374 -19.47 -14.71 16.83
CA ASP B 374 -18.99 -15.25 15.57
C ASP B 374 -19.98 -14.90 14.46
N GLU B 375 -19.54 -15.08 13.21
CA GLU B 375 -20.37 -14.75 12.06
C GLU B 375 -21.63 -15.58 12.04
N TYR B 376 -22.79 -14.92 11.91
CA TYR B 376 -24.12 -15.51 11.88
C TYR B 376 -24.66 -15.83 13.28
N ALA B 377 -23.81 -15.85 14.31
CA ALA B 377 -24.23 -16.16 15.66
C ALA B 377 -24.92 -14.96 16.31
N LEU B 378 -25.66 -15.27 17.38
CA LEU B 378 -26.39 -14.28 18.17
C LEU B 378 -26.02 -14.47 19.62
N LYS B 379 -25.75 -13.37 20.33
CA LYS B 379 -25.39 -13.45 21.73
C LYS B 379 -26.16 -12.40 22.51
N GLU B 380 -26.44 -12.74 23.76
CA GLU B 380 -27.04 -11.81 24.70
C GLU B 380 -25.94 -11.42 25.68
N TYR B 381 -25.67 -10.13 25.78
CA TYR B 381 -24.73 -9.57 26.73
C TYR B 381 -25.54 -8.77 27.74
N GLY B 382 -25.93 -9.41 28.84
CA GLY B 382 -26.78 -8.72 29.78
C GLY B 382 -28.06 -8.37 29.05
N VAL B 383 -28.47 -7.09 29.12
CA VAL B 383 -29.75 -6.72 28.54
C VAL B 383 -29.68 -6.47 27.04
N MET B 384 -28.50 -6.58 26.43
CA MET B 384 -28.37 -6.30 25.01
C MET B 384 -28.18 -7.59 24.24
N ARG B 385 -28.78 -7.65 23.05
CA ARG B 385 -28.63 -8.73 22.09
C ARG B 385 -27.80 -8.23 20.92
N VAL B 386 -26.85 -9.05 20.45
CA VAL B 386 -26.09 -8.72 19.24
C VAL B 386 -26.06 -9.91 18.30
N ARG B 387 -26.38 -9.66 17.04
CA ARG B 387 -26.24 -10.64 15.98
C ARG B 387 -25.15 -10.18 15.00
N ASN B 388 -24.21 -11.09 14.70
CA ASN B 388 -23.21 -10.87 13.66
C ASN B 388 -23.84 -11.27 12.32
N VAL B 389 -24.28 -10.27 11.55
CA VAL B 389 -25.02 -10.54 10.33
C VAL B 389 -24.12 -11.07 9.22
N LYS B 390 -22.90 -10.55 9.11
CA LYS B 390 -21.94 -10.96 8.08
C LYS B 390 -20.61 -10.25 8.31
N GLU B 391 -19.50 -10.92 8.06
CA GLU B 391 -18.18 -10.30 8.05
C GLU B 391 -17.68 -10.16 6.61
N SER B 392 -16.84 -9.15 6.36
CA SER B 392 -16.17 -8.95 5.07
C SER B 392 -14.73 -8.59 5.35
N ALA B 393 -13.78 -9.36 4.85
CA ALA B 393 -12.37 -9.10 5.12
C ALA B 393 -11.71 -8.37 3.95
N ALA B 394 -10.89 -7.39 4.27
CA ALA B 394 -9.90 -6.78 3.39
C ALA B 394 -8.54 -7.19 3.92
N HIS B 395 -7.46 -6.70 3.29
CA HIS B 395 -6.14 -7.08 3.80
C HIS B 395 -5.93 -6.57 5.22
N ASP B 396 -6.27 -5.32 5.46
CA ASP B 396 -5.89 -4.68 6.71
C ASP B 396 -6.97 -4.74 7.78
N TYR B 397 -8.21 -5.09 7.41
CA TYR B 397 -9.25 -5.04 8.42
C TYR B 397 -10.37 -6.01 8.08
N THR B 398 -11.15 -6.33 9.10
CA THR B 398 -12.40 -7.05 8.88
C THR B 398 -13.53 -6.11 9.23
N LEU B 399 -14.62 -6.23 8.47
CA LEU B 399 -15.84 -5.50 8.71
C LEU B 399 -16.89 -6.48 9.19
N ARG B 400 -17.50 -6.19 10.33
CA ARG B 400 -18.52 -7.04 10.91
C ARG B 400 -19.81 -6.25 11.00
N GLU B 401 -20.85 -6.75 10.34
CA GLU B 401 -22.16 -6.11 10.35
C GLU B 401 -22.96 -6.72 11.50
N LEU B 402 -23.01 -6.01 12.61
CA LEU B 402 -23.71 -6.43 13.81
C LEU B 402 -25.05 -5.71 13.90
N LYS B 403 -26.04 -6.43 14.40
CA LYS B 403 -27.35 -5.89 14.71
C LYS B 403 -27.47 -5.85 16.23
N LEU B 404 -27.73 -4.67 16.79
CA LEU B 404 -27.81 -4.48 18.25
C LEU B 404 -29.23 -4.10 18.63
N SER B 405 -29.72 -4.70 19.73
CA SER B 405 -31.03 -4.37 20.24
C SER B 405 -31.06 -4.69 21.73
N LYS B 406 -32.06 -4.13 22.41
CA LYS B 406 -32.29 -4.40 23.81
C LYS B 406 -33.24 -5.59 23.91
N VAL B 407 -32.94 -6.52 24.83
CA VAL B 407 -33.78 -7.70 24.95
C VAL B 407 -35.18 -7.28 25.37
N GLY B 408 -36.19 -7.78 24.68
CA GLY B 408 -37.57 -7.51 25.05
C GLY B 408 -38.25 -6.40 24.28
N GLN B 409 -37.58 -5.79 23.30
CA GLN B 409 -38.19 -4.78 22.43
C GLN B 409 -37.56 -4.90 21.04
N GLY B 410 -38.36 -5.25 20.04
CA GLY B 410 -37.82 -5.39 18.70
C GLY B 410 -37.63 -4.08 17.97
N ASN B 411 -38.27 -3.02 18.47
CA ASN B 411 -38.21 -1.71 17.85
C ASN B 411 -36.93 -0.96 18.19
N THR B 412 -35.98 -1.57 18.91
CA THR B 412 -34.75 -0.87 19.27
C THR B 412 -33.56 -1.28 18.42
N GLU B 413 -33.76 -2.09 17.38
CA GLU B 413 -32.64 -2.63 16.63
C GLU B 413 -32.03 -1.61 15.69
N ARG B 414 -30.69 -1.46 15.79
CA ARG B 414 -29.93 -0.67 14.84
C ARG B 414 -28.69 -1.46 14.47
N THR B 415 -28.18 -1.23 13.25
CA THR B 415 -26.97 -1.91 12.79
C THR B 415 -25.75 -1.16 13.30
N VAL B 416 -24.77 -1.90 13.81
CA VAL B 416 -23.52 -1.33 14.28
C VAL B 416 -22.42 -1.95 13.45
N TRP B 417 -21.67 -1.12 12.74
CA TRP B 417 -20.64 -1.59 11.82
C TRP B 417 -19.30 -1.54 12.54
N GLN B 418 -18.68 -2.71 12.74
CA GLN B 418 -17.42 -2.82 13.46
C GLN B 418 -16.29 -3.03 12.49
N TYR B 419 -15.44 -2.01 12.35
CA TYR B 419 -14.25 -2.00 11.51
C TYR B 419 -13.07 -2.37 12.39
N HIS B 420 -12.49 -3.53 12.14
CA HIS B 420 -11.48 -4.13 12.99
C HIS B 420 -10.18 -4.14 12.19
N PHE B 421 -9.32 -3.16 12.49
CA PHE B 421 -8.03 -3.03 11.85
C PHE B 421 -7.08 -4.06 12.44
N ARG B 422 -6.52 -4.93 11.60
CA ARG B 422 -5.81 -6.09 12.09
C ARG B 422 -4.30 -6.03 11.87
N THR B 423 -3.79 -5.07 11.10
CA THR B 423 -2.41 -5.12 10.64
C THR B 423 -1.47 -4.13 11.33
N TRP B 424 -1.93 -3.44 12.36
CA TRP B 424 -1.03 -2.55 13.09
C TRP B 424 0.17 -3.35 13.62
N PRO B 425 1.40 -2.88 13.41
CA PRO B 425 2.56 -3.63 13.90
C PRO B 425 2.53 -3.76 15.42
N ASP B 426 3.25 -4.76 15.95
CA ASP B 426 3.21 -4.98 17.40
C ASP B 426 3.97 -3.90 18.16
N HIS B 427 5.04 -3.36 17.57
CA HIS B 427 5.76 -2.22 18.12
C HIS B 427 5.83 -1.11 17.07
N GLY B 428 5.53 0.11 17.49
CA GLY B 428 5.74 1.23 16.62
C GLY B 428 4.53 1.56 15.77
N VAL B 429 4.77 2.13 14.60
CA VAL B 429 3.70 2.56 13.71
C VAL B 429 3.96 1.97 12.34
N PRO B 430 2.95 1.89 11.49
CA PRO B 430 3.16 1.35 10.14
C PRO B 430 4.11 2.26 9.36
N SER B 431 4.88 1.64 8.45
CA SER B 431 5.79 2.40 7.59
C SER B 431 5.02 3.28 6.62
N ASP B 432 3.88 2.81 6.12
CA ASP B 432 3.12 3.60 5.18
C ASP B 432 1.76 3.92 5.75
N PRO B 433 1.29 5.17 5.67
CA PRO B 433 -0.07 5.51 6.12
C PRO B 433 -1.18 5.03 5.20
N GLY B 434 -0.87 4.42 4.06
CA GLY B 434 -1.89 4.17 3.05
C GLY B 434 -3.04 3.33 3.54
N GLY B 435 -2.74 2.19 4.18
CA GLY B 435 -3.81 1.37 4.72
C GLY B 435 -4.66 2.08 5.76
N VAL B 436 -4.02 2.75 6.72
CA VAL B 436 -4.77 3.48 7.75
C VAL B 436 -5.70 4.50 7.09
N LEU B 437 -5.20 5.23 6.11
CA LEU B 437 -6.02 6.24 5.45
C LEU B 437 -7.22 5.62 4.76
N ASP B 438 -7.00 4.58 3.94
CA ASP B 438 -8.12 3.94 3.24
C ASP B 438 -9.15 3.39 4.22
N PHE B 439 -8.68 2.81 5.33
CA PHE B 439 -9.57 2.39 6.42
C PHE B 439 -10.42 3.55 6.91
N LEU B 440 -9.77 4.66 7.28
CA LEU B 440 -10.49 5.81 7.81
C LEU B 440 -11.45 6.38 6.77
N GLU B 441 -11.05 6.39 5.50
CA GLU B 441 -11.97 6.78 4.44
C GLU B 441 -13.23 5.92 4.46
N GLU B 442 -13.09 4.59 4.48
CA GLU B 442 -14.27 3.72 4.54
C GLU B 442 -15.11 4.02 5.77
N VAL B 443 -14.47 4.11 6.94
CA VAL B 443 -15.18 4.39 8.19
C VAL B 443 -16.00 5.67 8.04
N HIS B 444 -15.34 6.74 7.57
CA HIS B 444 -16.01 8.04 7.47
C HIS B 444 -17.24 7.97 6.56
N HIS B 445 -17.14 7.23 5.46
CA HIS B 445 -18.28 7.18 4.55
C HIS B 445 -19.42 6.34 5.10
N LYS B 446 -19.11 5.28 5.83
CA LYS B 446 -20.15 4.55 6.56
C LYS B 446 -20.90 5.47 7.52
N GLN B 447 -20.15 6.26 8.31
CA GLN B 447 -20.79 7.11 9.32
C GLN B 447 -21.57 8.25 8.68
N GLU B 448 -20.99 8.90 7.66
CA GLU B 448 -21.72 9.90 6.88
C GLU B 448 -23.03 9.36 6.34
N SER B 449 -23.11 8.05 6.14
CA SER B 449 -24.24 7.45 5.44
C SER B 449 -25.38 7.04 6.36
N ILE B 450 -25.18 6.97 7.67
CA ILE B 450 -26.22 6.56 8.60
C ILE B 450 -26.83 7.81 9.20
N MET B 451 -28.10 8.04 8.91
CA MET B 451 -28.79 9.20 9.42
C MET B 451 -28.87 9.16 10.94
N ASP B 452 -28.41 10.25 11.57
CA ASP B 452 -28.49 10.48 13.01
C ASP B 452 -27.57 9.56 13.83
N ALA B 453 -26.59 8.93 13.20
CA ALA B 453 -25.62 8.14 13.94
C ALA B 453 -24.98 8.96 15.06
N GLY B 454 -24.80 8.34 16.23
CA GLY B 454 -24.07 8.92 17.33
C GLY B 454 -22.56 8.83 17.15
N PRO B 455 -21.82 9.03 18.24
CA PRO B 455 -20.36 9.11 18.14
C PRO B 455 -19.76 7.81 17.66
N VAL B 456 -18.64 7.90 16.96
CA VAL B 456 -17.93 6.71 16.51
C VAL B 456 -17.08 6.18 17.65
N VAL B 457 -17.27 4.89 17.98
CA VAL B 457 -16.52 4.24 19.06
C VAL B 457 -15.16 3.80 18.53
N VAL B 458 -14.08 4.28 19.15
CA VAL B 458 -12.72 3.89 18.78
C VAL B 458 -12.03 3.31 20.00
N HIS B 459 -11.41 2.11 19.84
CA HIS B 459 -10.67 1.53 20.94
C HIS B 459 -9.45 0.79 20.44
N CYS B 460 -8.44 0.68 21.32
CA CYS B 460 -7.33 -0.26 21.17
C CYS B 460 -7.24 -1.09 22.45
N SER B 461 -6.12 -0.97 23.18
CA SER B 461 -5.92 -1.68 24.44
C SER B 461 -6.28 -0.77 25.60
N ALA B 462 -5.36 0.14 25.99
CA ALA B 462 -5.67 1.15 26.99
C ALA B 462 -6.50 2.31 26.44
N GLY B 463 -6.62 2.43 25.11
CA GLY B 463 -7.49 3.44 24.54
C GLY B 463 -6.94 4.85 24.52
N ILE B 464 -5.61 5.02 24.46
CA ILE B 464 -5.03 6.36 24.42
C ILE B 464 -3.97 6.48 23.32
N GLY B 465 -3.15 5.43 23.13
CA GLY B 465 -2.09 5.45 22.13
C GLY B 465 -2.56 5.34 20.69
N ARG B 466 -2.74 4.11 20.21
CA ARG B 466 -3.30 3.92 18.88
C ARG B 466 -4.63 4.61 18.74
N THR B 467 -5.45 4.56 19.78
CA THR B 467 -6.77 5.17 19.69
C THR B 467 -6.66 6.68 19.46
N GLY B 468 -5.81 7.33 20.25
CA GLY B 468 -5.60 8.75 20.04
C GLY B 468 -5.08 9.06 18.66
N THR B 469 -4.18 8.23 18.14
CA THR B 469 -3.59 8.48 16.83
C THR B 469 -4.65 8.42 15.72
N PHE B 470 -5.53 7.40 15.78
CA PHE B 470 -6.57 7.27 14.74
C PHE B 470 -7.49 8.47 14.76
N ILE B 471 -7.99 8.83 15.95
CA ILE B 471 -8.93 9.93 16.09
C ILE B 471 -8.32 11.24 15.62
N VAL B 472 -7.08 11.53 16.02
CA VAL B 472 -6.43 12.77 15.60
C VAL B 472 -6.28 12.81 14.08
N ILE B 473 -5.76 11.74 13.47
CA ILE B 473 -5.65 11.69 12.01
C ILE B 473 -7.03 11.89 11.39
N ASP B 474 -8.07 11.34 12.00
CA ASP B 474 -9.40 11.49 11.43
C ASP B 474 -9.93 12.91 11.57
N ILE B 475 -9.59 13.60 12.66
CA ILE B 475 -10.02 14.99 12.80
C ILE B 475 -9.36 15.85 11.73
N LEU B 476 -8.06 15.65 11.53
CA LEU B 476 -7.31 16.49 10.60
C LEU B 476 -7.79 16.31 9.16
N ILE B 477 -7.97 15.06 8.72
CA ILE B 477 -8.38 14.84 7.34
C ILE B 477 -9.85 15.20 7.14
N ASP B 478 -10.68 15.14 8.20
CA ASP B 478 -12.02 15.72 8.13
C ASP B 478 -11.97 17.17 7.66
N ILE B 479 -11.04 17.95 8.21
CA ILE B 479 -10.89 19.35 7.85
C ILE B 479 -10.53 19.50 6.38
N ILE B 480 -9.49 18.79 5.95
CA ILE B 480 -9.06 18.90 4.55
C ILE B 480 -10.17 18.45 3.61
N ARG B 481 -10.79 17.30 3.90
CA ARG B 481 -11.83 16.79 3.02
C ARG B 481 -12.95 17.80 2.81
N GLU B 482 -13.22 18.63 3.82
CA GLU B 482 -14.31 19.58 3.69
C GLU B 482 -13.83 20.94 3.17
N LYS B 483 -12.65 21.39 3.58
CA LYS B 483 -12.11 22.67 3.15
C LYS B 483 -11.02 22.52 2.11
N GLY B 484 -10.78 21.31 1.63
CA GLY B 484 -9.75 21.19 0.62
C GLY B 484 -8.40 21.67 1.16
N VAL B 485 -7.47 21.84 0.23
CA VAL B 485 -6.09 22.16 0.58
C VAL B 485 -5.97 23.54 1.21
N ASP B 486 -6.87 24.45 0.89
CA ASP B 486 -6.75 25.83 1.35
CA ASP B 486 -6.75 25.83 1.35
C ASP B 486 -7.41 25.98 2.73
N CYS B 487 -6.82 25.31 3.71
CA CYS B 487 -7.28 25.41 5.09
C CYS B 487 -6.08 25.37 6.03
N ASP B 488 -6.33 25.82 7.26
CA ASP B 488 -5.31 25.79 8.29
C ASP B 488 -5.34 24.46 9.02
N ILE B 489 -4.17 24.02 9.46
CA ILE B 489 -4.04 22.79 10.24
C ILE B 489 -3.00 23.03 11.32
N ASP B 490 -3.27 22.53 12.53
CA ASP B 490 -2.39 22.71 13.69
C ASP B 490 -2.36 21.40 14.46
N VAL B 491 -1.45 20.52 14.07
CA VAL B 491 -1.41 19.16 14.61
C VAL B 491 -1.30 19.17 16.15
N PRO B 492 -0.30 19.82 16.74
CA PRO B 492 -0.19 19.74 18.22
C PRO B 492 -1.36 20.40 18.93
N LYS B 493 -1.86 21.52 18.43
CA LYS B 493 -3.03 22.10 19.08
C LYS B 493 -4.23 21.16 19.00
N THR B 494 -4.34 20.37 17.92
CA THR B 494 -5.40 19.38 17.86
C THR B 494 -5.18 18.30 18.90
N ILE B 495 -3.94 17.81 19.01
CA ILE B 495 -3.64 16.76 19.99
C ILE B 495 -3.92 17.25 21.41
N GLN B 496 -3.45 18.47 21.73
CA GLN B 496 -3.71 19.04 23.05
C GLN B 496 -5.20 19.15 23.33
N MET B 497 -5.97 19.63 22.36
CA MET B 497 -7.44 19.64 22.48
C MET B 497 -7.99 18.25 22.81
N VAL B 498 -7.47 17.22 22.15
CA VAL B 498 -7.94 15.85 22.39
C VAL B 498 -7.39 15.32 23.72
N ARG B 499 -6.16 15.68 24.08
CA ARG B 499 -5.61 15.26 25.36
C ARG B 499 -6.39 15.87 26.53
N SER B 500 -7.08 16.99 26.31
CA SER B 500 -7.90 17.56 27.37
C SER B 500 -9.20 16.80 27.60
N GLN B 501 -9.59 15.92 26.68
CA GLN B 501 -10.79 15.12 26.87
C GLN B 501 -10.52 13.66 27.21
N ARG B 502 -9.29 13.17 27.06
CA ARG B 502 -8.93 11.86 27.62
C ARG B 502 -7.42 11.79 27.82
N SER B 503 -7.00 11.26 28.96
CA SER B 503 -5.58 11.28 29.32
C SER B 503 -4.72 10.61 28.26
N GLY B 504 -3.59 11.24 27.94
CA GLY B 504 -2.54 10.57 27.22
C GLY B 504 -2.77 10.33 25.73
N MET B 505 -3.71 11.04 25.12
CA MET B 505 -4.09 10.79 23.74
C MET B 505 -2.93 11.10 22.78
N VAL B 506 -2.55 10.10 21.96
CA VAL B 506 -1.30 10.12 21.22
C VAL B 506 -0.15 9.97 22.19
N GLN B 507 0.56 8.84 22.10
CA GLN B 507 1.49 8.40 23.14
C GLN B 507 2.94 8.68 22.84
N THR B 508 3.37 8.54 21.58
CA THR B 508 4.79 8.52 21.25
C THR B 508 5.10 9.50 20.14
N GLU B 509 6.39 9.83 20.03
CA GLU B 509 6.84 10.66 18.93
C GLU B 509 6.65 9.93 17.59
N ALA B 510 6.91 8.62 17.55
CA ALA B 510 6.66 7.86 16.34
C ALA B 510 5.23 8.03 15.84
N GLN B 511 4.26 7.97 16.76
CA GLN B 511 2.87 8.22 16.38
C GLN B 511 2.69 9.65 15.92
N TYR B 512 3.35 10.59 16.59
CA TYR B 512 3.32 11.99 16.18
C TYR B 512 3.82 12.15 14.74
N ARG B 513 4.99 11.58 14.45
CA ARG B 513 5.47 11.58 13.08
C ARG B 513 4.46 10.93 12.14
N PHE B 514 3.88 9.81 12.56
CA PHE B 514 2.94 9.09 11.71
C PHE B 514 1.73 9.95 11.35
N ILE B 515 1.20 10.70 12.32
CA ILE B 515 0.05 11.55 12.05
C ILE B 515 0.36 12.55 10.95
N TYR B 516 1.48 13.27 11.10
CA TYR B 516 1.96 14.18 10.06
C TYR B 516 2.07 13.47 8.72
N MET B 517 2.72 12.30 8.72
CA MET B 517 2.86 11.49 7.50
C MET B 517 1.50 11.22 6.86
N ALA B 518 0.52 10.84 7.66
CA ALA B 518 -0.79 10.51 7.10
C ALA B 518 -1.48 11.74 6.54
N VAL B 519 -1.38 12.89 7.21
CA VAL B 519 -2.03 14.08 6.69
C VAL B 519 -1.37 14.50 5.38
N GLN B 520 -0.05 14.41 5.31
CA GLN B 520 0.64 14.69 4.06
C GLN B 520 0.20 13.73 2.95
N HIS B 521 0.27 12.43 3.22
CA HIS B 521 -0.15 11.45 2.23
C HIS B 521 -1.57 11.73 1.76
N TYR B 522 -2.47 12.05 2.70
CA TYR B 522 -3.84 12.37 2.32
C TYR B 522 -3.88 13.59 1.41
N ILE B 523 -3.08 14.61 1.73
CA ILE B 523 -3.10 15.83 0.94
C ILE B 523 -2.62 15.55 -0.49
N GLU B 524 -1.55 14.77 -0.63
CA GLU B 524 -1.03 14.43 -1.95
C GLU B 524 -2.08 13.76 -2.83
N THR B 525 -2.94 12.92 -2.27
CA THR B 525 -3.89 12.18 -3.10
C THR B 525 -5.11 13.00 -3.50
N LEU B 526 -5.11 14.30 -3.21
CA LEU B 526 -6.17 15.20 -3.64
C LEU B 526 -5.78 16.04 -4.87
C10 ZJX C . -0.18 -12.15 -38.38
C13 ZJX C . 0.96 -12.85 -34.97
C20 ZJX C . 4.54 -13.92 -35.08
C21 ZJX C . 4.50 -15.06 -34.27
C22 ZJX C . 3.29 -15.46 -33.70
C24 ZJX C . 2.11 -14.75 -33.92
C01 ZJX C . -5.61 -10.57 -40.95
C02 ZJX C . -4.94 -11.57 -40.00
C04 ZJX C . -3.66 -12.04 -40.76
C05 ZJX C . -2.27 -11.50 -40.32
C07 ZJX C . -3.34 -10.02 -38.71
C08 ZJX C . -4.64 -10.82 -38.69
C09 ZJX C . -1.38 -11.38 -37.99
C12 ZJX C . 0.37 -12.49 -36.25
C16 ZJX C . -0.82 -11.72 -35.86
C18 ZJX C . 2.16 -13.60 -34.75
C19 ZJX C . 3.37 -13.18 -35.31
F25 ZJX C . 0.96 -15.16 -33.37
N03 ZJX C . -5.81 -12.73 -39.71
N06 ZJX C . -2.21 -10.86 -39.01
N11 ZJX C . 0.68 -12.70 -37.54
N14 ZJX C . 0.20 -12.36 -33.98
N15 ZJX C . -0.85 -11.71 -34.48
N17 ZJX C . -1.70 -11.17 -36.71
CL23 ZJX C . 3.20 -16.83 -32.71
H101 ZJX C . 0.01 -12.27 -39.29
H201 ZJX C . 5.34 -13.65 -35.46
H211 ZJX C . 5.27 -15.55 -34.11
H012 ZJX C . -5.88 -9.80 -40.48
H011 ZJX C . -6.38 -10.95 -41.34
H013 ZJX C . -5.03 -10.32 -41.64
H041 ZJX C . -3.78 -11.81 -41.65
H042 ZJX C . -3.65 -12.97 -40.69
H051 ZJX C . -1.66 -12.21 -40.29
H052 ZJX C . -1.97 -10.86 -40.93
H071 ZJX C . -3.18 -9.61 -37.89
H072 ZJX C . -3.38 -9.35 -39.37
H082 ZJX C . -4.61 -11.45 -37.99
H081 ZJX C . -5.37 -10.25 -38.51
H191 ZJX C . 3.39 -12.42 -35.85
H032 ZJX C . -5.50 -13.19 -39.04
H031 ZJX C . -5.89 -13.25 -40.40
H151 ZJX C . -1.43 -11.33 -33.97
C10 ZJX D . 5.23 25.70 19.18
C13 ZJX D . 2.97 23.09 20.39
C20 ZJX D . -0.36 24.66 20.14
C21 ZJX D . -0.89 24.37 21.38
C22 ZJX D . -0.13 23.65 22.31
C24 ZJX D . 1.16 23.20 22.02
C01 ZJX D . 11.22 26.41 18.37
C02 ZJX D . 10.28 25.97 19.50
C04 ZJX D . 9.12 26.99 19.53
C05 ZJX D . 7.92 26.72 18.62
C07 ZJX D . 8.70 24.46 18.13
C08 ZJX D . 9.80 24.52 19.19
C09 ZJX D . 6.37 24.79 18.94
C12 ZJX D . 4.00 23.98 19.89
C16 ZJX D . 5.12 23.07 19.65
C18 ZJX D . 1.67 23.51 20.75
C19 ZJX D . 0.93 24.23 19.83
F25 ZJX D . 1.86 22.50 22.94
N03 ZJX D . 10.93 25.96 20.81
N06 ZJX D . 7.57 25.32 18.42
N11 ZJX D . 4.06 25.31 19.64
N14 ZJX D . 3.44 21.83 20.45
N15 ZJX D . 4.69 21.79 20.01
N17 ZJX D . 6.31 23.46 19.18
CL23 ZJX D . -0.76 23.28 23.84
H101 ZJX D . 5.31 26.61 19.00
H201 ZJX D . -0.86 25.14 19.51
H211 ZJX D . -1.74 24.65 21.60
H012 ZJX D . 12.01 25.89 18.37
H011 ZJX D . 11.47 27.31 18.49
H013 ZJX D . 10.81 26.32 17.54
H041 ZJX D . 9.49 27.82 19.32
H042 ZJX D . 8.83 27.03 20.43
H051 ZJX D . 7.15 27.13 18.97
H052 ZJX D . 8.08 27.08 17.77
H071 ZJX D . 8.35 23.59 18.05
H072 ZJX D . 9.02 24.71 17.29
H082 ZJX D . 9.49 24.13 19.99
H081 ZJX D . 10.54 24.02 18.89
H191 ZJX D . 1.30 24.44 18.99
H032 ZJX D . 11.66 25.47 20.79
H031 ZJX D . 10.39 25.62 21.41
H151 ZJX D . 5.15 21.06 19.98
#